data_7WUY
#
_entry.id   7WUY
#
_cell.length_a   72.954
_cell.length_b   108.295
_cell.length_c   122.771
_cell.angle_alpha   90.000
_cell.angle_beta   90.000
_cell.angle_gamma   90.000
#
_symmetry.space_group_name_H-M   'P 21 2 21'
#
loop_
_entity.id
_entity.type
_entity.pdbx_description
1 polymer 'Methyltransf_2 domain-containing protein'
2 non-polymer 'SULFATE ION'
3 non-polymer S-ADENOSYLMETHIONINE
4 non-polymer 1,2-ETHANEDIOL
5 non-polymer GLYCEROL
6 non-polymer 3-[[(1~{S},2~{R},4~{a}~{S},8~{a}~{S})-2-methyl-1,2,4~{a},5,6,7,8,8~{a}-octahydronaphthalen-1-yl]carbonyl]-5-[(1~{S},2~{R},5~{S},6~{S})-2,5-bis(oxidanyl)-7-oxabicyclo[4.1.0]heptan-2-yl]-4-oxidanyl-1~{H}-pyridin-2-one
7 non-polymer 'PENTAETHYLENE GLYCOL'
8 non-polymer DI(HYDROXYETHYL)ETHER
9 water water
#
_entity_poly.entity_id   1
_entity_poly.type   'polypeptide(L)'
_entity_poly.pdbx_seq_one_letter_code
;MASDASVADSLDTLAAKLIEKAKDLRAGNSTTPQQHEALVGTLKQVQDAVYLPRDDLAAMQMGFVTAAAIRLLLHWKVFE
KIPDTGSIRYEELATQVGGDVVIITRICWLLVATGFLVQEGSDRVAHTARTRPFAGVNPLRAWWLMGYDEYVPVLLAMPR
YYDTYGIKEPTGRLHTIKAFTEGSPELTVGEIMSRHPERTANMLISMSAMASQYPHTGFYDFSWVAPKAAESATRPLIVD
IGGAKGWTLQAICKETPEIPISRCVLQDLSGVIQMVQTVGDEDIRSAQLMAIDFHKEQPVQGALVYMIRRILRDFGDDEC
VSILQHVVAAMAPDSKLLIADTVTGNPPSWFPAMLDFFLSTIGGKERTEEEFRKITARAGLRITGIHYSDKAEFAMIVCE
KAEHHHHHH
;
_entity_poly.pdbx_strand_id   A,B
#
loop_
_chem_comp.id
_chem_comp.type
_chem_comp.name
_chem_comp.formula
1PE non-polymer 'PENTAETHYLENE GLYCOL' 'C10 H22 O6'
76N non-polymer 3-[[(1~{S},2~{R},4~{a}~{S},8~{a}~{S})-2-methyl-1,2,4~{a},5,6,7,8,8~{a}-octahydronaphthalen-1-yl]carbonyl]-5-[(1~{S},2~{R},5~{S},6~{S})-2,5-bis(oxidanyl)-7-oxabicyclo[4.1.0]heptan-2-yl]-4-oxidanyl-1~{H}-pyridin-2-one 'C23 H29 N O6'
EDO non-polymer 1,2-ETHANEDIOL 'C2 H6 O2'
GOL non-polymer GLYCEROL 'C3 H8 O3'
PEG non-polymer DI(HYDROXYETHYL)ETHER 'C4 H10 O3'
SAM non-polymer S-ADENOSYLMETHIONINE 'C15 H22 N6 O5 S'
SO4 non-polymer 'SULFATE ION' 'O4 S -2'
#
# COMPACT_ATOMS: atom_id res chain seq x y z
N SER A 10 -19.62 12.46 -15.24
CA SER A 10 -19.73 13.72 -14.56
C SER A 10 -20.05 13.42 -13.11
N LEU A 11 -19.84 14.39 -12.24
CA LEU A 11 -20.29 14.25 -10.86
C LEU A 11 -21.78 13.92 -10.84
N ASP A 12 -22.54 14.43 -11.82
CA ASP A 12 -23.99 14.28 -11.77
C ASP A 12 -24.44 12.91 -12.24
N THR A 13 -23.82 12.38 -13.31
CA THR A 13 -24.15 11.00 -13.70
C THR A 13 -23.70 10.01 -12.63
N LEU A 14 -22.56 10.26 -11.98
CA LEU A 14 -22.15 9.40 -10.86
C LEU A 14 -23.18 9.48 -9.72
N ALA A 15 -23.58 10.69 -9.35
CA ALA A 15 -24.58 10.82 -8.28
C ALA A 15 -25.82 10.01 -8.62
N ALA A 16 -26.27 10.08 -9.88
CA ALA A 16 -27.47 9.35 -10.29
C ALA A 16 -27.27 7.86 -10.25
N LYS A 17 -26.07 7.39 -10.56
CA LYS A 17 -25.83 5.96 -10.45
C LYS A 17 -25.87 5.52 -9.00
N LEU A 18 -25.31 6.33 -8.08
CA LEU A 18 -25.37 5.97 -6.66
C LEU A 18 -26.83 5.92 -6.17
N ILE A 19 -27.60 6.94 -6.52
CA ILE A 19 -29.01 7.03 -6.10
C ILE A 19 -29.77 5.81 -6.60
N GLU A 20 -29.51 5.37 -7.82
CA GLU A 20 -30.28 4.24 -8.34
C GLU A 20 -29.86 2.93 -7.70
N LYS A 21 -28.57 2.77 -7.40
CA LYS A 21 -28.15 1.56 -6.70
C LYS A 21 -28.62 1.57 -5.25
N ALA A 22 -28.73 2.75 -4.63
CA ALA A 22 -29.31 2.81 -3.28
C ALA A 22 -30.79 2.36 -3.30
N LYS A 23 -31.55 2.81 -4.30
CA LYS A 23 -32.92 2.32 -4.47
C LYS A 23 -32.98 0.81 -4.57
N ASP A 24 -32.13 0.21 -5.42
CA ASP A 24 -32.14 -1.24 -5.58
C ASP A 24 -31.88 -1.92 -4.25
N LEU A 25 -30.86 -1.47 -3.53
CA LEU A 25 -30.57 -2.04 -2.22
C LEU A 25 -31.78 -1.96 -1.31
N ARG A 26 -32.47 -0.82 -1.29
CA ARG A 26 -33.57 -0.59 -0.36
C ARG A 26 -34.72 -1.57 -0.60
N ALA A 27 -35.00 -1.87 -1.86
CA ALA A 27 -36.02 -2.81 -2.27
C ALA A 27 -35.59 -4.27 -2.17
N GLY A 28 -34.33 -4.57 -1.81
CA GLY A 28 -33.82 -5.94 -1.89
C GLY A 28 -33.61 -6.46 -3.31
N ASN A 29 -33.22 -5.58 -4.24
CA ASN A 29 -33.04 -5.89 -5.66
C ASN A 29 -31.60 -5.69 -6.14
N SER A 30 -30.62 -5.71 -5.23
CA SER A 30 -29.21 -5.54 -5.61
C SER A 30 -28.41 -6.74 -5.11
N THR A 31 -28.86 -7.94 -5.53
CA THR A 31 -28.34 -9.19 -5.01
C THR A 31 -27.12 -9.67 -5.81
N THR A 32 -27.11 -9.47 -7.13
CA THR A 32 -26.24 -10.24 -8.00
C THR A 32 -24.78 -9.78 -7.92
N PRO A 33 -23.85 -10.67 -8.31
CA PRO A 33 -22.44 -10.26 -8.37
C PRO A 33 -22.21 -9.12 -9.33
N GLN A 34 -22.88 -9.12 -10.50
CA GLN A 34 -22.70 -8.02 -11.44
C GLN A 34 -23.10 -6.70 -10.82
N GLN A 35 -24.19 -6.70 -10.04
CA GLN A 35 -24.63 -5.47 -9.39
C GLN A 35 -23.61 -5.00 -8.36
N HIS A 36 -23.11 -5.92 -7.53
CA HIS A 36 -22.07 -5.52 -6.59
C HIS A 36 -20.85 -4.96 -7.31
N GLU A 37 -20.35 -5.67 -8.33
CA GLU A 37 -19.18 -5.19 -9.04
C GLU A 37 -19.44 -3.80 -9.63
N ALA A 38 -20.64 -3.59 -10.13
CA ALA A 38 -20.94 -2.29 -10.75
C ALA A 38 -20.95 -1.17 -9.72
N LEU A 39 -21.49 -1.42 -8.52
CA LEU A 39 -21.48 -0.40 -7.50
C LEU A 39 -20.06 -0.12 -7.03
N VAL A 40 -19.26 -1.17 -6.81
CA VAL A 40 -17.85 -0.97 -6.48
C VAL A 40 -17.16 -0.12 -7.53
N GLY A 41 -17.39 -0.41 -8.83
CA GLY A 41 -16.80 0.41 -9.87
C GLY A 41 -17.24 1.86 -9.83
N THR A 42 -18.53 2.10 -9.58
CA THR A 42 -18.97 3.47 -9.44
C THR A 42 -18.28 4.19 -8.28
N LEU A 43 -18.15 3.53 -7.14
CA LEU A 43 -17.46 4.15 -6.02
C LEU A 43 -16.02 4.50 -6.39
N LYS A 44 -15.36 3.64 -7.17
CA LYS A 44 -14.00 3.94 -7.59
C LYS A 44 -13.98 5.15 -8.52
N GLN A 45 -14.98 5.24 -9.40
CA GLN A 45 -15.08 6.40 -10.28
C GLN A 45 -15.26 7.68 -9.49
N VAL A 46 -16.03 7.62 -8.40
CA VAL A 46 -16.18 8.77 -7.53
C VAL A 46 -14.83 9.15 -6.94
N GLN A 47 -14.15 8.18 -6.35
CA GLN A 47 -12.82 8.42 -5.78
C GLN A 47 -11.94 9.17 -6.78
N ASP A 48 -11.92 8.69 -8.03
CA ASP A 48 -11.04 9.27 -9.05
C ASP A 48 -11.46 10.65 -9.46
N ALA A 49 -12.75 10.92 -9.39
CA ALA A 49 -13.22 12.24 -9.77
C ALA A 49 -13.05 13.24 -8.65
N VAL A 50 -12.94 12.81 -7.41
CA VAL A 50 -12.93 13.79 -6.34
C VAL A 50 -11.59 13.87 -5.63
N TYR A 51 -10.75 12.82 -5.69
CA TYR A 51 -9.52 12.84 -4.90
C TYR A 51 -8.56 13.91 -5.42
N LEU A 52 -7.90 14.58 -4.49
CA LEU A 52 -6.83 15.51 -4.82
C LEU A 52 -5.49 14.94 -4.36
N PRO A 53 -4.37 15.55 -4.77
CA PRO A 53 -3.06 14.99 -4.40
C PRO A 53 -2.92 14.65 -2.93
N ARG A 54 -3.41 15.50 -2.02
CA ARG A 54 -3.24 15.22 -0.60
C ARG A 54 -4.00 13.95 -0.20
N ASP A 55 -5.16 13.72 -0.82
CA ASP A 55 -5.91 12.50 -0.55
C ASP A 55 -5.17 11.27 -1.09
N ASP A 56 -4.65 11.37 -2.31
CA ASP A 56 -3.91 10.25 -2.90
C ASP A 56 -2.68 9.89 -2.07
N LEU A 57 -1.97 10.90 -1.56
CA LEU A 57 -0.80 10.69 -0.71
C LEU A 57 -1.19 10.02 0.60
N ALA A 58 -2.24 10.53 1.27
CA ALA A 58 -2.70 9.88 2.49
C ALA A 58 -3.13 8.44 2.21
N ALA A 59 -3.79 8.20 1.07
CA ALA A 59 -4.23 6.84 0.79
C ALA A 59 -3.06 5.90 0.48
N MET A 60 -2.05 6.38 -0.28
CA MET A 60 -0.83 5.60 -0.53
C MET A 60 -0.15 5.23 0.79
N GLN A 61 0.10 6.23 1.64
CA GLN A 61 0.75 6.00 2.92
C GLN A 61 -0.05 5.01 3.76
N MET A 62 -1.37 5.24 3.88
CA MET A 62 -2.19 4.34 4.72
C MET A 62 -2.27 2.92 4.14
N GLY A 63 -2.27 2.79 2.80
CA GLY A 63 -2.26 1.48 2.19
C GLY A 63 -1.02 0.68 2.54
N PHE A 64 0.16 1.30 2.38
CA PHE A 64 1.38 0.60 2.68
C PHE A 64 1.47 0.28 4.15
N VAL A 65 1.09 1.23 5.02
CA VAL A 65 1.19 0.99 6.45
C VAL A 65 0.19 -0.09 6.91
N THR A 66 -1.03 -0.05 6.40
CA THR A 66 -1.99 -1.07 6.79
C THR A 66 -1.51 -2.45 6.32
N ALA A 67 -0.98 -2.52 5.09
CA ALA A 67 -0.44 -3.80 4.59
C ALA A 67 0.67 -4.36 5.49
N ALA A 68 1.63 -3.52 5.89
CA ALA A 68 2.73 -3.98 6.74
C ALA A 68 2.22 -4.40 8.10
N ALA A 69 1.27 -3.64 8.67
CA ALA A 69 0.64 -4.10 9.92
C ALA A 69 -0.01 -5.47 9.74
N ILE A 70 -0.77 -5.66 8.65
CA ILE A 70 -1.38 -6.97 8.45
C ILE A 70 -0.27 -8.02 8.32
N ARG A 71 0.81 -7.68 7.61
CA ARG A 71 1.84 -8.69 7.38
C ARG A 71 2.50 -9.12 8.69
N LEU A 72 2.77 -8.16 9.59
CA LEU A 72 3.36 -8.50 10.88
C LEU A 72 2.41 -9.35 11.71
N LEU A 73 1.15 -8.95 11.79
CA LEU A 73 0.21 -9.73 12.59
C LEU A 73 0.01 -11.13 12.00
N LEU A 74 0.04 -11.26 10.67
CA LEU A 74 0.07 -12.60 10.07
C LEU A 74 1.29 -13.37 10.53
N HIS A 75 2.47 -12.74 10.36
CA HIS A 75 3.75 -13.39 10.65
C HIS A 75 3.83 -13.85 12.09
N TRP A 76 3.34 -13.01 13.01
CA TRP A 76 3.33 -13.33 14.42
C TRP A 76 2.19 -14.26 14.83
N LYS A 77 1.32 -14.68 13.89
CA LYS A 77 0.16 -15.53 14.21
C LYS A 77 -0.83 -14.87 15.18
N VAL A 78 -0.95 -13.55 15.11
CA VAL A 78 -1.92 -12.85 15.96
C VAL A 78 -3.35 -13.03 15.45
N PHE A 79 -3.57 -12.94 14.14
CA PHE A 79 -4.93 -13.09 13.63
C PHE A 79 -5.51 -14.45 14.02
N GLU A 80 -4.68 -15.50 13.98
CA GLU A 80 -5.10 -16.83 14.38
C GLU A 80 -5.56 -16.88 15.83
N LYS A 81 -5.01 -16.04 16.70
CA LYS A 81 -5.31 -16.09 18.11
C LYS A 81 -6.43 -15.16 18.54
N ILE A 82 -6.85 -14.24 17.68
CA ILE A 82 -8.03 -13.42 17.95
C ILE A 82 -9.25 -14.28 17.64
N PRO A 83 -10.18 -14.46 18.58
CA PRO A 83 -11.29 -15.39 18.37
C PRO A 83 -12.23 -14.89 17.28
N ASP A 84 -12.91 -15.85 16.67
CA ASP A 84 -13.78 -15.55 15.55
C ASP A 84 -14.83 -14.51 15.92
N THR A 85 -15.35 -14.57 17.13
CA THR A 85 -16.24 -13.56 17.69
C THR A 85 -15.79 -13.32 19.11
N GLY A 86 -16.31 -12.26 19.71
CA GLY A 86 -15.87 -11.89 21.05
C GLY A 86 -14.53 -11.18 20.92
N SER A 87 -13.81 -11.08 22.02
CA SER A 87 -12.60 -10.27 22.00
C SER A 87 -11.56 -10.96 22.85
N ILE A 88 -10.30 -10.50 22.73
CA ILE A 88 -9.19 -11.02 23.52
C ILE A 88 -8.36 -9.82 24.00
N ARG A 89 -7.81 -9.94 25.20
CA ARG A 89 -7.00 -8.84 25.74
C ARG A 89 -5.70 -8.74 24.94
N TYR A 90 -5.23 -7.50 24.73
CA TYR A 90 -3.89 -7.36 24.15
C TYR A 90 -2.85 -8.12 24.97
N GLU A 91 -2.99 -8.11 26.30
CA GLU A 91 -1.99 -8.80 27.10
C GLU A 91 -2.03 -10.30 26.88
N GLU A 92 -3.22 -10.87 26.63
CA GLU A 92 -3.27 -12.31 26.34
C GLU A 92 -2.68 -12.61 24.97
N LEU A 93 -3.04 -11.81 23.98
CA LEU A 93 -2.39 -11.94 22.67
C LEU A 93 -0.87 -11.88 22.79
N ALA A 94 -0.37 -10.88 23.50
CA ALA A 94 1.06 -10.70 23.57
C ALA A 94 1.74 -11.90 24.20
N THR A 95 1.16 -12.38 25.30
CA THR A 95 1.74 -13.55 25.96
C THR A 95 1.67 -14.78 25.07
N GLN A 96 0.61 -14.94 24.29
CA GLN A 96 0.53 -16.16 23.45
C GLN A 96 1.51 -16.13 22.28
N VAL A 97 1.87 -14.95 21.77
CA VAL A 97 2.84 -14.95 20.68
C VAL A 97 4.25 -14.74 21.20
N GLY A 98 4.42 -14.59 22.50
CA GLY A 98 5.70 -14.33 23.11
C GLY A 98 6.27 -12.99 22.68
N GLY A 99 5.44 -11.95 22.67
CA GLY A 99 5.87 -10.64 22.24
C GLY A 99 5.52 -9.56 23.24
N ASP A 100 6.19 -8.44 23.06
CA ASP A 100 5.95 -7.24 23.87
C ASP A 100 4.54 -6.65 23.62
N VAL A 101 3.73 -6.54 24.70
CA VAL A 101 2.35 -6.08 24.55
C VAL A 101 2.28 -4.69 23.93
N VAL A 102 3.29 -3.87 24.17
CA VAL A 102 3.24 -2.49 23.67
C VAL A 102 3.33 -2.45 22.13
N ILE A 103 4.29 -3.16 21.54
CA ILE A 103 4.41 -3.08 20.07
C ILE A 103 3.23 -3.79 19.42
N ILE A 104 2.77 -4.88 20.03
CA ILE A 104 1.58 -5.56 19.48
C ILE A 104 0.37 -4.65 19.52
N THR A 105 0.22 -3.88 20.60
CA THR A 105 -0.94 -2.99 20.69
C THR A 105 -0.85 -1.87 19.67
N ARG A 106 0.31 -1.23 19.58
CA ARG A 106 0.51 -0.18 18.58
C ARG A 106 0.15 -0.64 17.19
N ILE A 107 0.50 -1.88 16.86
CA ILE A 107 0.23 -2.34 15.50
C ILE A 107 -1.24 -2.69 15.33
N CYS A 108 -1.86 -3.37 16.32
CA CYS A 108 -3.32 -3.55 16.28
C CYS A 108 -4.05 -2.21 16.21
N TRP A 109 -3.52 -1.19 16.90
CA TRP A 109 -4.19 0.12 16.92
C TRP A 109 -4.25 0.72 15.54
N LEU A 110 -3.23 0.47 14.70
CA LEU A 110 -3.32 1.00 13.35
C LEU A 110 -4.52 0.38 12.62
N LEU A 111 -4.72 -0.93 12.77
CA LEU A 111 -5.85 -1.59 12.12
C LEU A 111 -7.17 -1.25 12.82
N VAL A 112 -7.14 -1.02 14.12
CA VAL A 112 -8.36 -0.51 14.75
C VAL A 112 -8.74 0.84 14.12
N ALA A 113 -7.75 1.71 13.91
CA ALA A 113 -8.09 3.04 13.45
C ALA A 113 -8.65 3.02 12.04
N THR A 114 -8.33 2.01 11.25
CA THR A 114 -8.80 1.95 9.88
C THR A 114 -9.98 1.00 9.73
N GLY A 115 -10.61 0.60 10.84
CA GLY A 115 -11.75 -0.30 10.81
C GLY A 115 -11.47 -1.74 10.38
N PHE A 116 -10.22 -2.19 10.38
CA PHE A 116 -9.96 -3.60 10.12
C PHE A 116 -10.16 -4.45 11.37
N LEU A 117 -9.70 -3.95 12.51
CA LEU A 117 -9.95 -4.56 13.82
C LEU A 117 -10.86 -3.63 14.62
N VAL A 118 -11.42 -4.15 15.73
CA VAL A 118 -12.27 -3.37 16.63
C VAL A 118 -11.71 -3.50 18.02
N GLN A 119 -11.62 -2.38 18.73
CA GLN A 119 -11.19 -2.45 20.13
C GLN A 119 -12.44 -2.39 21.03
N GLU A 120 -12.50 -3.30 22.00
CA GLU A 120 -13.56 -3.32 23.02
C GLU A 120 -12.99 -2.78 24.34
N GLY A 121 -13.62 -1.74 24.88
CA GLY A 121 -13.10 -1.17 26.12
C GLY A 121 -11.72 -0.55 25.92
N SER A 122 -10.89 -0.65 26.94
CA SER A 122 -9.58 -0.05 26.90
C SER A 122 -8.48 -1.03 26.47
N ASP A 123 -8.80 -2.32 26.33
CA ASP A 123 -7.69 -3.30 26.32
C ASP A 123 -8.03 -4.62 25.66
N ARG A 124 -9.05 -4.71 24.81
CA ARG A 124 -9.40 -5.94 24.12
C ARG A 124 -9.53 -5.64 22.64
N VAL A 125 -9.34 -6.66 21.82
CA VAL A 125 -9.42 -6.49 20.38
C VAL A 125 -10.19 -7.66 19.79
N ALA A 126 -10.84 -7.40 18.65
CA ALA A 126 -11.74 -8.35 18.03
C ALA A 126 -11.62 -8.23 16.52
N HIS A 127 -11.92 -9.34 15.84
CA HIS A 127 -11.99 -9.38 14.39
C HIS A 127 -13.14 -8.53 13.88
N THR A 128 -13.01 -8.08 12.63
CA THR A 128 -14.15 -7.73 11.78
C THR A 128 -14.17 -8.68 10.59
N ALA A 129 -15.16 -8.52 9.72
CA ALA A 129 -15.19 -9.34 8.52
C ALA A 129 -13.97 -9.09 7.66
N ARG A 130 -13.33 -7.93 7.81
CA ARG A 130 -12.15 -7.60 7.02
C ARG A 130 -10.91 -8.37 7.47
N THR A 131 -10.86 -8.83 8.73
CA THR A 131 -9.65 -9.54 9.15
C THR A 131 -9.84 -11.04 9.32
N ARG A 132 -11.09 -11.53 9.36
CA ARG A 132 -11.29 -12.97 9.48
C ARG A 132 -10.60 -13.73 8.35
N PRO A 133 -10.53 -13.21 7.11
CA PRO A 133 -9.75 -13.93 6.10
C PRO A 133 -8.32 -14.15 6.49
N PHE A 134 -7.76 -13.35 7.39
CA PHE A 134 -6.36 -13.57 7.73
C PHE A 134 -6.17 -14.58 8.86
N ALA A 135 -7.26 -14.99 9.50
CA ALA A 135 -7.16 -15.83 10.69
C ALA A 135 -6.92 -17.30 10.37
N GLY A 136 -6.91 -17.70 9.10
CA GLY A 136 -6.62 -19.09 8.77
C GLY A 136 -6.29 -19.22 7.29
N VAL A 137 -6.06 -20.45 6.85
CA VAL A 137 -5.63 -20.73 5.48
C VAL A 137 -6.82 -20.73 4.54
N ASN A 138 -6.80 -19.86 3.52
CA ASN A 138 -7.86 -19.84 2.54
C ASN A 138 -7.35 -19.11 1.29
N PRO A 139 -8.11 -19.17 0.19
CA PRO A 139 -7.59 -18.60 -1.08
C PRO A 139 -7.43 -17.10 -1.06
N LEU A 140 -8.34 -16.35 -0.43
CA LEU A 140 -8.19 -14.89 -0.42
C LEU A 140 -6.92 -14.51 0.35
N ARG A 141 -6.70 -15.14 1.48
CA ARG A 141 -5.47 -14.87 2.21
C ARG A 141 -4.24 -15.24 1.38
N ALA A 142 -4.28 -16.35 0.66
CA ALA A 142 -3.13 -16.75 -0.17
C ALA A 142 -2.88 -15.77 -1.33
N TRP A 143 -3.94 -15.32 -1.98
CA TRP A 143 -3.84 -14.28 -2.98
C TRP A 143 -3.18 -13.02 -2.39
N TRP A 144 -3.64 -12.58 -1.22
CA TRP A 144 -3.04 -11.37 -0.63
C TRP A 144 -1.55 -11.61 -0.34
N LEU A 145 -1.20 -12.78 0.18
CA LEU A 145 0.21 -13.06 0.49
C LEU A 145 1.05 -13.16 -0.79
N MET A 146 0.51 -13.77 -1.83
CA MET A 146 1.23 -13.78 -3.12
C MET A 146 1.57 -12.36 -3.51
N GLY A 147 0.55 -11.48 -3.54
CA GLY A 147 0.78 -10.11 -3.98
C GLY A 147 1.83 -9.41 -3.15
N TYR A 148 1.69 -9.48 -1.82
CA TYR A 148 2.57 -8.73 -0.92
C TYR A 148 3.98 -9.32 -0.83
N ASP A 149 4.11 -10.64 -0.57
CA ASP A 149 5.43 -11.23 -0.39
C ASP A 149 6.16 -11.40 -1.73
N GLU A 150 5.42 -11.77 -2.78
CA GLU A 150 6.06 -12.19 -4.02
C GLU A 150 6.12 -11.10 -5.07
N TYR A 151 5.31 -10.03 -4.93
CA TYR A 151 5.33 -9.00 -5.95
C TYR A 151 5.67 -7.60 -5.44
N VAL A 152 5.27 -7.19 -4.24
CA VAL A 152 5.60 -5.82 -3.81
C VAL A 152 7.11 -5.57 -3.86
N PRO A 153 7.99 -6.45 -3.36
CA PRO A 153 9.44 -6.16 -3.47
C PRO A 153 9.91 -6.09 -4.91
N VAL A 154 9.23 -6.78 -5.81
CA VAL A 154 9.59 -6.73 -7.23
C VAL A 154 9.15 -5.39 -7.82
N LEU A 155 8.00 -4.87 -7.39
CA LEU A 155 7.60 -3.50 -7.81
C LEU A 155 8.68 -2.51 -7.47
N LEU A 156 9.27 -2.62 -6.27
CA LEU A 156 10.29 -1.64 -5.87
C LEU A 156 11.55 -1.73 -6.74
N ALA A 157 11.83 -2.91 -7.31
CA ALA A 157 12.98 -3.16 -8.15
C ALA A 157 12.79 -2.66 -9.58
N MET A 158 11.62 -2.14 -9.95
CA MET A 158 11.43 -1.88 -11.38
C MET A 158 12.33 -0.78 -11.89
N PRO A 159 12.50 0.37 -11.19
CA PRO A 159 13.46 1.37 -11.73
C PRO A 159 14.84 0.76 -12.02
N ARG A 160 15.41 -0.01 -11.09
CA ARG A 160 16.74 -0.56 -11.34
C ARG A 160 16.70 -1.57 -12.49
N TYR A 161 15.62 -2.37 -12.59
CA TYR A 161 15.49 -3.36 -13.66
C TYR A 161 15.54 -2.68 -15.03
N TYR A 162 14.75 -1.63 -15.21
CA TYR A 162 14.77 -0.95 -16.51
C TYR A 162 16.07 -0.14 -16.72
N ASP A 163 16.75 0.30 -15.64
CA ASP A 163 18.11 0.83 -15.83
C ASP A 163 19.08 -0.28 -16.25
N THR A 164 18.80 -1.54 -15.88
CA THR A 164 19.72 -2.64 -16.18
C THR A 164 19.54 -3.17 -17.60
N TYR A 165 18.28 -3.30 -18.04
CA TYR A 165 17.96 -3.94 -19.31
C TYR A 165 17.44 -2.96 -20.36
N GLY A 166 17.31 -1.70 -20.05
CA GLY A 166 16.71 -0.80 -21.03
C GLY A 166 15.21 -0.62 -20.80
N ILE A 167 14.71 0.56 -21.17
CA ILE A 167 13.28 0.84 -21.10
C ILE A 167 12.65 0.14 -22.30
N LYS A 168 12.35 -1.16 -22.15
CA LYS A 168 11.82 -2.01 -23.20
C LYS A 168 10.75 -2.90 -22.58
N GLU A 169 9.70 -3.21 -23.32
CA GLU A 169 8.70 -4.13 -22.75
C GLU A 169 9.35 -5.46 -22.38
N PRO A 170 9.22 -5.93 -21.12
CA PRO A 170 9.82 -7.23 -20.77
C PRO A 170 9.01 -8.35 -21.38
N THR A 171 9.64 -9.14 -22.26
CA THR A 171 8.89 -10.17 -22.97
C THR A 171 9.48 -11.56 -22.82
N GLY A 172 10.69 -11.69 -22.24
CA GLY A 172 11.34 -12.98 -22.15
C GLY A 172 10.87 -13.77 -20.93
N ARG A 173 11.00 -15.10 -21.01
CA ARG A 173 10.69 -15.88 -19.83
C ARG A 173 11.85 -15.93 -18.86
N LEU A 174 13.07 -15.57 -19.30
CA LEU A 174 14.20 -15.48 -18.39
C LEU A 174 14.51 -14.01 -18.13
N HIS A 175 15.27 -13.75 -17.07
CA HIS A 175 15.64 -12.36 -16.75
C HIS A 175 14.40 -11.45 -16.61
N THR A 176 13.30 -12.01 -16.09
CA THR A 176 12.13 -11.20 -15.71
C THR A 176 12.48 -10.24 -14.56
N ILE A 177 11.58 -9.27 -14.29
CA ILE A 177 11.85 -8.42 -13.13
C ILE A 177 11.85 -9.27 -11.86
N LYS A 178 10.92 -10.24 -11.78
CA LYS A 178 10.84 -11.09 -10.59
C LYS A 178 12.09 -11.93 -10.40
N ALA A 179 12.60 -12.59 -11.47
CA ALA A 179 13.83 -13.38 -11.31
C ALA A 179 15.02 -12.46 -11.02
N PHE A 180 15.01 -11.25 -11.61
CA PHE A 180 16.01 -10.24 -11.27
C PHE A 180 16.02 -9.94 -9.80
N THR A 181 14.81 -9.79 -9.19
CA THR A 181 14.73 -9.43 -7.79
C THR A 181 15.12 -10.62 -6.93
N GLU A 182 14.70 -11.81 -7.35
CA GLU A 182 15.00 -13.06 -6.64
C GLU A 182 16.51 -13.36 -6.68
N GLY A 183 17.21 -12.87 -7.68
CA GLY A 183 18.60 -13.25 -7.86
C GLY A 183 18.81 -14.56 -8.58
N SER A 184 17.87 -14.99 -9.44
CA SER A 184 17.97 -16.24 -10.20
C SER A 184 17.49 -15.97 -11.61
N PRO A 185 18.15 -15.05 -12.33
CA PRO A 185 17.58 -14.59 -13.62
C PRO A 185 17.39 -15.70 -14.65
N GLU A 186 18.29 -16.71 -14.70
CA GLU A 186 18.28 -17.97 -15.48
C GLU A 186 17.13 -18.95 -15.16
N LEU A 187 16.31 -18.73 -14.12
CA LEU A 187 15.10 -19.52 -13.89
C LEU A 187 13.89 -18.74 -14.38
N THR A 188 12.86 -19.48 -14.86
CA THR A 188 11.59 -18.83 -15.10
C THR A 188 10.93 -18.56 -13.77
N VAL A 189 9.93 -17.68 -13.78
CA VAL A 189 9.22 -17.41 -12.54
C VAL A 189 8.51 -18.67 -12.01
N GLY A 190 7.93 -19.46 -12.90
CA GLY A 190 7.31 -20.71 -12.44
C GLY A 190 8.32 -21.66 -11.81
N GLU A 191 9.54 -21.70 -12.35
CA GLU A 191 10.56 -22.56 -11.71
C GLU A 191 10.90 -22.04 -10.33
N ILE A 192 11.08 -20.72 -10.21
CA ILE A 192 11.36 -20.11 -8.90
C ILE A 192 10.25 -20.44 -7.88
N MET A 193 9.00 -20.24 -8.28
CA MET A 193 7.94 -20.50 -7.31
C MET A 193 7.92 -21.97 -6.92
N SER A 194 8.29 -22.86 -7.83
CA SER A 194 8.12 -24.31 -7.66
C SER A 194 9.22 -24.95 -6.81
N ARG A 195 10.25 -24.21 -6.47
CA ARG A 195 11.41 -24.79 -5.80
C ARG A 195 11.36 -24.62 -4.28
N HIS A 196 10.35 -23.98 -3.74
CA HIS A 196 10.29 -23.77 -2.30
C HIS A 196 8.91 -24.26 -1.85
N PRO A 197 8.83 -25.22 -0.92
CA PRO A 197 7.51 -25.81 -0.59
C PRO A 197 6.47 -24.83 -0.08
N GLU A 198 6.82 -23.92 0.84
CA GLU A 198 5.80 -23.02 1.37
C GLU A 198 5.31 -22.04 0.30
N ARG A 199 6.22 -21.58 -0.57
CA ARG A 199 5.81 -20.70 -1.67
C ARG A 199 4.90 -21.43 -2.63
N THR A 200 5.25 -22.69 -2.95
CA THR A 200 4.41 -23.47 -3.85
C THR A 200 3.03 -23.72 -3.22
N ALA A 201 3.00 -24.10 -1.95
CA ALA A 201 1.71 -24.42 -1.35
C ALA A 201 0.81 -23.19 -1.32
N ASN A 202 1.38 -22.00 -1.06
CA ASN A 202 0.56 -20.78 -1.07
C ASN A 202 0.09 -20.47 -2.48
N MET A 203 0.99 -20.68 -3.47
CA MET A 203 0.59 -20.44 -4.86
C MET A 203 -0.60 -21.30 -5.23
N LEU A 204 -0.56 -22.60 -4.88
CA LEU A 204 -1.63 -23.50 -5.25
C LEU A 204 -2.97 -23.02 -4.71
N ILE A 205 -2.98 -22.60 -3.45
CA ILE A 205 -4.22 -22.14 -2.83
C ILE A 205 -4.70 -20.81 -3.42
N SER A 206 -3.74 -19.95 -3.83
CA SER A 206 -4.12 -18.66 -4.43
C SER A 206 -4.85 -18.82 -5.76
N MET A 207 -4.59 -19.92 -6.48
CA MET A 207 -5.26 -20.16 -7.77
C MET A 207 -6.75 -20.45 -7.60
N SER A 208 -7.23 -20.69 -6.37
CA SER A 208 -8.66 -20.78 -6.12
C SER A 208 -9.30 -19.42 -5.75
N ALA A 209 -8.54 -18.32 -5.68
CA ALA A 209 -9.08 -17.03 -5.25
C ALA A 209 -9.67 -16.25 -6.40
N MET A 210 -10.51 -15.26 -6.04
CA MET A 210 -10.98 -14.24 -6.99
C MET A 210 -11.73 -14.93 -8.11
N ALA A 211 -12.58 -15.89 -7.74
CA ALA A 211 -13.45 -16.50 -8.75
C ALA A 211 -14.35 -15.45 -9.40
N SER A 212 -14.55 -14.30 -8.73
CA SER A 212 -15.27 -13.16 -9.33
C SER A 212 -14.59 -12.57 -10.56
N GLN A 213 -13.29 -12.78 -10.73
CA GLN A 213 -12.51 -12.42 -11.92
C GLN A 213 -12.10 -13.62 -12.76
N TYR A 214 -11.85 -14.77 -12.12
CA TYR A 214 -11.28 -15.96 -12.78
C TYR A 214 -12.14 -17.19 -12.44
N PRO A 215 -13.42 -17.19 -12.85
CA PRO A 215 -14.28 -18.34 -12.55
C PRO A 215 -13.70 -19.63 -13.11
N HIS A 216 -13.91 -20.72 -12.38
CA HIS A 216 -13.50 -22.07 -12.82
C HIS A 216 -14.57 -22.83 -13.62
N THR A 217 -15.83 -22.44 -13.50
CA THR A 217 -16.92 -23.02 -14.28
C THR A 217 -17.98 -21.95 -14.48
N GLY A 218 -19.09 -22.33 -15.14
CA GLY A 218 -20.21 -21.43 -15.31
C GLY A 218 -20.24 -20.72 -16.66
N PHE A 219 -19.19 -20.83 -17.49
CA PHE A 219 -19.12 -20.06 -18.73
C PHE A 219 -18.87 -20.93 -19.96
N TYR A 220 -18.63 -22.22 -19.80
CA TYR A 220 -18.30 -23.09 -20.93
C TYR A 220 -18.81 -24.49 -20.60
N ASP A 221 -19.49 -25.11 -21.55
CA ASP A 221 -20.15 -26.38 -21.27
C ASP A 221 -19.31 -27.50 -21.83
N PHE A 222 -18.83 -28.38 -20.95
CA PHE A 222 -18.00 -29.51 -21.33
C PHE A 222 -18.81 -30.78 -21.62
N SER A 223 -20.14 -30.73 -21.48
CA SER A 223 -20.91 -31.97 -21.54
C SER A 223 -20.70 -32.70 -22.86
N TRP A 224 -20.37 -32.00 -23.95
CA TRP A 224 -19.97 -32.69 -25.19
C TRP A 224 -18.82 -33.67 -25.00
N VAL A 225 -18.03 -33.55 -23.92
CA VAL A 225 -16.96 -34.52 -23.74
C VAL A 225 -17.49 -35.86 -23.25
N ALA A 226 -18.56 -35.85 -22.44
CA ALA A 226 -19.08 -37.10 -21.87
C ALA A 226 -19.36 -38.16 -22.92
N PRO A 227 -20.11 -37.90 -24.00
CA PRO A 227 -20.20 -38.86 -25.10
C PRO A 227 -18.89 -39.54 -25.43
N LYS A 228 -17.89 -38.73 -25.85
CA LYS A 228 -16.65 -39.28 -26.38
C LYS A 228 -15.90 -40.12 -25.34
N ALA A 229 -16.13 -39.89 -24.06
CA ALA A 229 -15.61 -40.78 -23.04
C ALA A 229 -16.05 -42.23 -23.29
N ALA A 230 -17.23 -42.43 -23.89
CA ALA A 230 -17.70 -43.77 -24.21
C ALA A 230 -17.03 -44.33 -25.46
N GLU A 231 -16.62 -43.46 -26.39
CA GLU A 231 -15.90 -43.91 -27.58
C GLU A 231 -14.67 -44.74 -27.23
N SER A 232 -14.08 -44.53 -26.06
CA SER A 232 -12.83 -45.21 -25.79
C SER A 232 -12.63 -45.31 -24.29
N ALA A 233 -11.77 -46.26 -23.89
CA ALA A 233 -11.52 -46.51 -22.47
C ALA A 233 -10.17 -45.99 -22.00
N THR A 234 -9.25 -45.68 -22.90
CA THR A 234 -7.90 -45.28 -22.56
C THR A 234 -7.54 -43.85 -22.98
N ARG A 235 -8.29 -43.23 -23.87
CA ARG A 235 -7.88 -41.94 -24.42
C ARG A 235 -7.98 -40.87 -23.35
N PRO A 236 -6.93 -40.08 -23.12
CA PRO A 236 -7.07 -38.97 -22.16
C PRO A 236 -8.07 -37.92 -22.64
N LEU A 237 -8.95 -37.52 -21.74
CA LEU A 237 -10.05 -36.63 -22.08
C LEU A 237 -9.67 -35.16 -21.98
N ILE A 238 -9.17 -34.73 -20.82
CA ILE A 238 -8.72 -33.34 -20.66
C ILE A 238 -7.32 -33.35 -20.09
N VAL A 239 -6.42 -32.63 -20.74
CA VAL A 239 -5.04 -32.43 -20.27
C VAL A 239 -4.98 -30.98 -19.79
N ASP A 240 -4.82 -30.80 -18.47
CA ASP A 240 -4.77 -29.49 -17.78
C ASP A 240 -3.31 -29.04 -17.72
N ILE A 241 -2.91 -28.18 -18.65
CA ILE A 241 -1.50 -27.83 -18.87
C ILE A 241 -1.14 -26.69 -17.93
N GLY A 242 -0.23 -26.95 -16.99
CA GLY A 242 0.04 -25.97 -15.95
C GLY A 242 -1.16 -25.83 -15.04
N GLY A 243 -1.78 -26.96 -14.66
CA GLY A 243 -3.07 -26.96 -13.93
C GLY A 243 -2.98 -26.75 -12.41
N ALA A 244 -1.79 -26.50 -11.88
CA ALA A 244 -1.55 -26.20 -10.46
C ALA A 244 -1.97 -27.43 -9.67
N LYS A 245 -2.99 -27.37 -8.79
CA LYS A 245 -3.42 -28.55 -8.06
C LYS A 245 -4.72 -29.11 -8.63
N GLY A 246 -5.04 -28.78 -9.87
CA GLY A 246 -6.20 -29.46 -10.45
C GLY A 246 -7.53 -28.98 -9.94
N TRP A 247 -7.57 -27.83 -9.30
CA TRP A 247 -8.85 -27.27 -8.86
C TRP A 247 -9.83 -27.16 -10.02
N THR A 248 -9.36 -26.72 -11.18
CA THR A 248 -10.25 -26.57 -12.35
C THR A 248 -10.70 -27.93 -12.89
N LEU A 249 -9.82 -28.93 -12.92
CA LEU A 249 -10.32 -30.26 -13.28
C LEU A 249 -11.40 -30.71 -12.31
N GLN A 250 -11.18 -30.51 -11.03
CA GLN A 250 -12.18 -30.96 -10.07
C GLN A 250 -13.50 -30.23 -10.30
N ALA A 251 -13.43 -28.92 -10.60
CA ALA A 251 -14.64 -28.14 -10.84
C ALA A 251 -15.37 -28.67 -12.07
N ILE A 252 -14.63 -28.96 -13.14
CA ILE A 252 -15.24 -29.45 -14.38
C ILE A 252 -15.94 -30.79 -14.14
N CYS A 253 -15.24 -31.73 -13.47
CA CYS A 253 -15.78 -33.07 -13.23
C CYS A 253 -16.95 -33.03 -12.22
N LYS A 254 -16.97 -32.06 -11.30
CA LYS A 254 -18.14 -31.91 -10.44
C LYS A 254 -19.36 -31.54 -11.26
N GLU A 255 -19.18 -30.61 -12.19
CA GLU A 255 -20.27 -30.14 -13.01
C GLU A 255 -20.62 -31.08 -14.18
N THR A 256 -19.69 -31.92 -14.63
CA THR A 256 -19.97 -32.89 -15.70
C THR A 256 -19.54 -34.24 -15.17
N PRO A 257 -20.32 -34.83 -14.26
CA PRO A 257 -19.87 -36.03 -13.55
C PRO A 257 -19.67 -37.20 -14.44
N GLU A 258 -20.13 -37.10 -15.70
CA GLU A 258 -19.87 -38.08 -16.74
C GLU A 258 -18.45 -38.04 -17.27
N ILE A 259 -17.65 -37.04 -16.95
CA ILE A 259 -16.22 -37.03 -17.27
C ILE A 259 -15.47 -37.61 -16.07
N PRO A 260 -14.86 -38.78 -16.18
CA PRO A 260 -14.12 -39.31 -15.03
C PRO A 260 -12.78 -38.58 -14.85
N ILE A 261 -12.52 -38.10 -13.63
CA ILE A 261 -11.25 -37.42 -13.40
C ILE A 261 -10.07 -38.36 -13.60
N SER A 262 -10.30 -39.69 -13.49
CA SER A 262 -9.19 -40.58 -13.78
C SER A 262 -8.80 -40.56 -15.27
N ARG A 263 -9.64 -40.02 -16.14
CA ARG A 263 -9.28 -39.92 -17.56
C ARG A 263 -8.69 -38.57 -17.90
N CYS A 264 -8.42 -37.75 -16.90
CA CYS A 264 -7.84 -36.43 -17.10
C CYS A 264 -6.40 -36.44 -16.59
N VAL A 265 -5.59 -35.54 -17.13
CA VAL A 265 -4.17 -35.46 -16.84
C VAL A 265 -3.91 -34.08 -16.25
N LEU A 266 -3.25 -34.03 -15.09
CA LEU A 266 -2.90 -32.77 -14.45
C LEU A 266 -1.40 -32.61 -14.65
N GLN A 267 -0.98 -31.56 -15.37
CA GLN A 267 0.43 -31.35 -15.70
C GLN A 267 0.93 -30.08 -15.07
N ASP A 268 2.10 -30.17 -14.46
CA ASP A 268 2.72 -28.94 -13.99
C ASP A 268 4.20 -29.23 -13.79
N LEU A 269 4.92 -28.26 -13.24
CA LEU A 269 6.34 -28.45 -12.96
C LEU A 269 6.50 -29.50 -11.86
N SER A 270 7.66 -30.16 -11.90
CA SER A 270 8.01 -31.21 -10.93
CA SER A 270 7.99 -31.22 -10.94
C SER A 270 7.69 -30.80 -9.50
N GLY A 271 8.15 -29.61 -9.09
CA GLY A 271 7.97 -29.19 -7.71
C GLY A 271 6.51 -29.01 -7.32
N VAL A 272 5.70 -28.57 -8.28
CA VAL A 272 4.28 -28.32 -8.02
C VAL A 272 3.52 -29.63 -8.00
N ILE A 273 3.76 -30.47 -9.02
CA ILE A 273 3.04 -31.73 -9.09
C ILE A 273 3.38 -32.64 -7.90
N GLN A 274 4.61 -32.62 -7.38
CA GLN A 274 4.89 -33.38 -6.16
C GLN A 274 4.12 -32.86 -4.95
N MET A 275 3.91 -31.53 -4.86
CA MET A 275 3.14 -30.98 -3.73
C MET A 275 1.69 -31.43 -3.78
N VAL A 276 1.17 -31.71 -4.98
CA VAL A 276 -0.17 -32.26 -5.05
C VAL A 276 -0.30 -33.61 -4.34
N GLN A 277 0.77 -34.40 -4.20
CA GLN A 277 0.65 -35.59 -3.37
C GLN A 277 0.29 -35.24 -1.93
N THR A 278 0.81 -34.12 -1.42
CA THR A 278 0.62 -33.70 -0.03
C THR A 278 -0.73 -33.04 0.18
N VAL A 279 -1.13 -32.14 -0.72
CA VAL A 279 -2.29 -31.33 -0.43
C VAL A 279 -3.50 -31.79 -1.21
N GLY A 280 -3.34 -32.61 -2.25
CA GLY A 280 -4.48 -32.99 -3.04
C GLY A 280 -5.36 -33.95 -2.27
N ASP A 281 -6.65 -33.90 -2.55
CA ASP A 281 -7.58 -34.85 -1.95
C ASP A 281 -7.55 -36.13 -2.77
N GLU A 282 -8.33 -37.13 -2.35
CA GLU A 282 -8.27 -38.45 -2.98
C GLU A 282 -8.75 -38.37 -4.42
N ASP A 283 -9.65 -37.42 -4.71
CA ASP A 283 -10.21 -37.25 -6.04
C ASP A 283 -9.13 -36.80 -7.05
N ILE A 284 -8.49 -35.66 -6.80
CA ILE A 284 -7.45 -35.20 -7.77
C ILE A 284 -6.28 -36.17 -7.80
N ARG A 285 -5.94 -36.80 -6.67
CA ARG A 285 -4.83 -37.74 -6.68
C ARG A 285 -5.13 -39.03 -7.47
N SER A 286 -6.39 -39.22 -7.87
CA SER A 286 -6.76 -40.33 -8.74
C SER A 286 -6.68 -39.96 -10.21
N ALA A 287 -6.36 -38.70 -10.53
CA ALA A 287 -6.09 -38.31 -11.91
C ALA A 287 -4.69 -38.78 -12.33
N GLN A 288 -4.41 -38.62 -13.60
CA GLN A 288 -3.04 -38.83 -14.09
C GLN A 288 -2.22 -37.56 -13.80
N LEU A 289 -1.48 -37.57 -12.70
CA LEU A 289 -0.55 -36.49 -12.40
C LEU A 289 0.71 -36.61 -13.26
N MET A 290 1.27 -35.47 -13.69
CA MET A 290 2.45 -35.62 -14.58
C MET A 290 3.31 -34.37 -14.59
N ALA A 291 4.59 -34.50 -14.23
CA ALA A 291 5.53 -33.40 -14.35
C ALA A 291 5.83 -33.16 -15.83
N ILE A 292 5.87 -31.88 -16.24
CA ILE A 292 6.25 -31.48 -17.60
C ILE A 292 7.00 -30.16 -17.51
N ASP A 293 7.45 -29.69 -18.67
CA ASP A 293 7.92 -28.33 -18.87
C ASP A 293 7.27 -27.86 -20.17
N PHE A 294 6.16 -27.10 -20.06
CA PHE A 294 5.46 -26.71 -21.28
C PHE A 294 6.25 -25.74 -22.16
N HIS A 295 7.41 -25.23 -21.73
CA HIS A 295 8.25 -24.47 -22.67
C HIS A 295 8.90 -25.37 -23.70
N LYS A 296 8.96 -26.68 -23.42
CA LYS A 296 9.75 -27.63 -24.21
C LYS A 296 8.96 -28.73 -24.86
N GLU A 297 7.75 -29.04 -24.38
CA GLU A 297 7.12 -30.32 -24.72
C GLU A 297 5.64 -30.34 -24.35
N GLN A 298 4.90 -31.17 -25.06
CA GLN A 298 3.61 -31.66 -24.59
C GLN A 298 3.68 -33.18 -24.78
N PRO A 299 4.01 -33.94 -23.73
CA PRO A 299 4.31 -35.38 -23.91
C PRO A 299 3.10 -36.28 -24.10
N VAL A 300 1.90 -35.79 -23.88
CA VAL A 300 0.68 -36.57 -24.05
C VAL A 300 0.10 -36.26 -25.42
N GLN A 301 0.20 -37.23 -26.35
CA GLN A 301 -0.28 -37.05 -27.72
C GLN A 301 -1.68 -37.62 -27.89
N GLY A 302 -2.51 -36.92 -28.65
CA GLY A 302 -3.80 -37.47 -29.00
C GLY A 302 -4.92 -37.24 -28.03
N ALA A 303 -4.72 -36.45 -26.96
CA ALA A 303 -5.81 -36.22 -26.00
C ALA A 303 -6.99 -35.56 -26.70
N LEU A 304 -8.18 -35.71 -26.11
CA LEU A 304 -9.36 -35.05 -26.69
C LEU A 304 -9.28 -33.53 -26.51
N VAL A 305 -8.93 -33.05 -25.31
CA VAL A 305 -8.89 -31.61 -25.04
C VAL A 305 -7.58 -31.28 -24.33
N TYR A 306 -6.91 -30.23 -24.79
CA TYR A 306 -5.78 -29.62 -24.07
C TYR A 306 -6.29 -28.30 -23.52
N MET A 307 -6.28 -28.16 -22.18
CA MET A 307 -6.78 -26.94 -21.55
C MET A 307 -5.58 -26.10 -21.07
N ILE A 308 -5.55 -24.83 -21.46
CA ILE A 308 -4.44 -23.91 -21.13
C ILE A 308 -5.09 -22.74 -20.40
N ARG A 309 -5.18 -22.83 -19.08
CA ARG A 309 -5.93 -21.85 -18.29
C ARG A 309 -4.95 -20.97 -17.55
N ARG A 310 -5.06 -19.66 -17.74
CA ARG A 310 -4.23 -18.68 -17.04
C ARG A 310 -2.75 -19.03 -17.19
N ILE A 311 -2.37 -19.43 -18.40
CA ILE A 311 -0.98 -19.71 -18.73
C ILE A 311 -0.42 -18.63 -19.67
N LEU A 312 -1.14 -18.35 -20.75
CA LEU A 312 -0.58 -17.45 -21.74
C LEU A 312 -0.35 -16.06 -21.16
N ARG A 313 -1.14 -15.66 -20.15
CA ARG A 313 -1.01 -14.34 -19.51
C ARG A 313 0.39 -14.13 -18.94
N ASP A 314 1.06 -15.21 -18.60
CA ASP A 314 2.35 -15.15 -17.93
C ASP A 314 3.51 -14.99 -18.88
N PHE A 315 3.27 -14.91 -20.20
CA PHE A 315 4.38 -14.94 -21.16
C PHE A 315 4.14 -13.93 -22.27
N GLY A 316 5.25 -13.54 -22.95
CA GLY A 316 5.15 -12.66 -24.12
C GLY A 316 4.69 -13.40 -25.37
N ASP A 317 4.34 -12.62 -26.40
CA ASP A 317 3.74 -13.22 -27.60
C ASP A 317 4.58 -14.37 -28.16
N ASP A 318 5.90 -14.16 -28.35
CA ASP A 318 6.68 -15.20 -29.01
C ASP A 318 6.69 -16.47 -28.18
N GLU A 319 6.87 -16.30 -26.88
CA GLU A 319 6.89 -17.47 -26.01
C GLU A 319 5.53 -18.17 -26.00
N CYS A 320 4.42 -17.41 -26.03
CA CYS A 320 3.09 -18.04 -26.14
C CYS A 320 2.99 -18.88 -27.42
N VAL A 321 3.39 -18.32 -28.56
CA VAL A 321 3.40 -19.11 -29.81
C VAL A 321 4.19 -20.41 -29.64
N SER A 322 5.37 -20.32 -29.03
CA SER A 322 6.19 -21.50 -28.83
C SER A 322 5.47 -22.53 -27.98
N ILE A 323 4.85 -22.08 -26.89
CA ILE A 323 4.10 -23.00 -26.05
C ILE A 323 2.98 -23.65 -26.83
N LEU A 324 2.20 -22.84 -27.57
CA LEU A 324 1.09 -23.45 -28.29
C LEU A 324 1.58 -24.43 -29.39
N GLN A 325 2.69 -24.13 -30.02
CA GLN A 325 3.19 -25.03 -31.07
C GLN A 325 3.51 -26.43 -30.54
N HIS A 326 4.12 -26.56 -29.35
CA HIS A 326 4.30 -27.90 -28.78
C HIS A 326 2.97 -28.62 -28.57
N VAL A 327 1.93 -27.91 -28.11
CA VAL A 327 0.61 -28.55 -27.93
C VAL A 327 0.00 -28.94 -29.27
N VAL A 328 0.13 -28.07 -30.27
CA VAL A 328 -0.41 -28.37 -31.60
C VAL A 328 0.18 -29.67 -32.14
N ALA A 329 1.51 -29.84 -32.01
CA ALA A 329 2.19 -31.08 -32.43
C ALA A 329 1.63 -32.30 -31.72
N ALA A 330 1.15 -32.13 -30.46
CA ALA A 330 0.63 -33.30 -29.75
C ALA A 330 -0.82 -33.60 -30.12
N MET A 331 -1.49 -32.65 -30.76
CA MET A 331 -2.92 -32.80 -31.02
C MET A 331 -3.21 -33.83 -32.12
N ALA A 332 -4.29 -34.55 -31.94
CA ALA A 332 -4.86 -35.39 -32.97
C ALA A 332 -5.82 -34.55 -33.82
N PRO A 333 -6.20 -35.02 -35.00
CA PRO A 333 -7.03 -34.17 -35.88
C PRO A 333 -8.34 -33.73 -35.25
N ASP A 334 -8.92 -34.51 -34.35
CA ASP A 334 -10.16 -34.15 -33.67
C ASP A 334 -9.93 -33.56 -32.28
N SER A 335 -8.70 -33.24 -31.91
CA SER A 335 -8.45 -32.60 -30.62
C SER A 335 -8.91 -31.14 -30.65
N LYS A 336 -9.24 -30.61 -29.46
CA LYS A 336 -9.47 -29.19 -29.27
C LYS A 336 -8.45 -28.65 -28.29
N LEU A 337 -7.99 -27.43 -28.53
CA LEU A 337 -7.10 -26.72 -27.61
C LEU A 337 -7.92 -25.58 -27.01
N LEU A 338 -8.05 -25.56 -25.70
CA LEU A 338 -8.91 -24.56 -25.06
C LEU A 338 -8.05 -23.62 -24.26
N ILE A 339 -8.10 -22.33 -24.59
CA ILE A 339 -7.44 -21.29 -23.79
C ILE A 339 -8.48 -20.65 -22.86
N ALA A 340 -8.27 -20.73 -21.54
CA ALA A 340 -9.13 -20.06 -20.58
C ALA A 340 -8.33 -18.94 -19.94
N ASP A 341 -8.80 -17.72 -20.11
CA ASP A 341 -7.99 -16.63 -19.58
C ASP A 341 -8.83 -15.35 -19.55
N THR A 342 -8.23 -14.33 -18.96
CA THR A 342 -8.78 -12.98 -18.95
C THR A 342 -8.74 -12.42 -20.37
N VAL A 343 -9.84 -11.80 -20.80
CA VAL A 343 -9.89 -11.15 -22.09
C VAL A 343 -10.45 -9.78 -21.84
N THR A 344 -9.64 -8.75 -22.02
CA THR A 344 -10.09 -7.41 -21.64
C THR A 344 -10.25 -6.56 -22.89
N GLY A 345 -10.55 -5.27 -22.71
CA GLY A 345 -10.49 -4.30 -23.80
C GLY A 345 -9.23 -3.45 -23.77
N ASN A 346 -9.20 -2.46 -24.65
CA ASN A 346 -8.14 -1.44 -24.61
C ASN A 346 -8.83 -0.09 -24.49
N PRO A 347 -8.48 0.72 -23.47
CA PRO A 347 -7.48 0.29 -22.49
C PRO A 347 -8.08 -0.80 -21.61
N PRO A 348 -7.26 -1.45 -20.78
CA PRO A 348 -7.79 -2.51 -19.91
C PRO A 348 -8.72 -1.95 -18.83
N SER A 349 -9.69 -2.78 -18.44
N SER A 349 -9.74 -2.74 -18.47
CA SER A 349 -10.60 -2.46 -17.34
CA SER A 349 -10.63 -2.39 -17.36
C SER A 349 -9.82 -2.31 -16.04
C SER A 349 -9.84 -2.39 -16.03
N TRP A 350 -10.49 -1.92 -14.95
CA TRP A 350 -9.78 -1.70 -13.68
C TRP A 350 -8.98 -2.93 -13.22
N PHE A 351 -9.63 -4.09 -13.10
CA PHE A 351 -8.93 -5.23 -12.51
C PHE A 351 -7.85 -5.74 -13.47
N PRO A 352 -8.13 -5.96 -14.77
CA PRO A 352 -7.05 -6.33 -15.69
C PRO A 352 -5.98 -5.26 -15.84
N ALA A 353 -6.27 -3.98 -15.56
CA ALA A 353 -5.21 -2.98 -15.62
C ALA A 353 -4.22 -3.18 -14.48
N MET A 354 -4.74 -3.47 -13.29
CA MET A 354 -3.88 -3.84 -12.17
C MET A 354 -3.00 -5.04 -12.53
N LEU A 355 -3.63 -6.10 -13.06
CA LEU A 355 -2.89 -7.33 -13.38
C LEU A 355 -1.89 -7.11 -14.51
N ASP A 356 -2.23 -6.33 -15.54
CA ASP A 356 -1.28 -6.07 -16.59
C ASP A 356 0.03 -5.48 -16.06
N PHE A 357 -0.08 -4.58 -15.07
CA PHE A 357 1.10 -3.98 -14.48
C PHE A 357 1.88 -5.04 -13.69
N PHE A 358 1.17 -5.80 -12.85
CA PHE A 358 1.85 -6.89 -12.15
C PHE A 358 2.49 -7.87 -13.15
N LEU A 359 1.77 -8.25 -14.21
CA LEU A 359 2.30 -9.28 -15.11
C LEU A 359 3.56 -8.82 -15.83
N SER A 360 3.76 -7.53 -15.99
CA SER A 360 5.01 -7.06 -16.60
C SER A 360 6.24 -7.53 -15.84
N THR A 361 6.14 -7.77 -14.52
CA THR A 361 7.29 -8.24 -13.76
C THR A 361 7.62 -9.73 -14.01
N ILE A 362 6.78 -10.48 -14.74
CA ILE A 362 7.09 -11.87 -15.05
C ILE A 362 7.12 -12.09 -16.56
N GLY A 363 7.06 -11.02 -17.35
CA GLY A 363 7.16 -11.15 -18.78
C GLY A 363 5.81 -11.31 -19.46
N GLY A 364 4.69 -11.19 -18.73
CA GLY A 364 3.38 -11.38 -19.29
C GLY A 364 2.64 -10.06 -19.47
N LYS A 365 1.34 -10.17 -19.67
CA LYS A 365 0.46 -9.03 -19.94
C LYS A 365 -0.98 -9.55 -20.00
N GLU A 366 -1.94 -8.63 -19.83
CA GLU A 366 -3.32 -8.93 -20.17
C GLU A 366 -3.57 -8.62 -21.65
N ARG A 367 -4.52 -9.35 -22.25
CA ARG A 367 -4.68 -9.26 -23.72
C ARG A 367 -6.14 -9.02 -24.10
N THR A 368 -6.32 -8.44 -25.28
CA THR A 368 -7.65 -8.33 -25.89
C THR A 368 -7.94 -9.57 -26.74
N GLU A 369 -9.19 -9.69 -27.17
CA GLU A 369 -9.53 -10.82 -28.03
C GLU A 369 -8.67 -10.82 -29.28
N GLU A 370 -8.47 -9.66 -29.91
CA GLU A 370 -7.67 -9.60 -31.14
C GLU A 370 -6.22 -10.04 -30.88
N GLU A 371 -5.68 -9.68 -29.70
CA GLU A 371 -4.33 -10.13 -29.36
C GLU A 371 -4.24 -11.65 -29.22
N PHE A 372 -5.24 -12.27 -28.61
CA PHE A 372 -5.22 -13.73 -28.58
C PHE A 372 -5.36 -14.30 -29.98
N ARG A 373 -6.22 -13.71 -30.82
CA ARG A 373 -6.35 -14.22 -32.19
C ARG A 373 -5.03 -14.16 -32.95
N LYS A 374 -4.25 -13.11 -32.76
CA LYS A 374 -2.98 -13.06 -33.49
C LYS A 374 -2.02 -14.14 -33.03
N ILE A 375 -2.01 -14.43 -31.73
CA ILE A 375 -1.13 -15.47 -31.23
C ILE A 375 -1.56 -16.84 -31.72
N THR A 376 -2.86 -17.14 -31.65
CA THR A 376 -3.30 -18.47 -32.05
C THR A 376 -3.11 -18.69 -33.54
N ALA A 377 -3.34 -17.65 -34.35
CA ALA A 377 -3.03 -17.76 -35.79
C ALA A 377 -1.56 -18.08 -36.02
N ARG A 378 -0.68 -17.41 -35.27
CA ARG A 378 0.74 -17.63 -35.50
C ARG A 378 1.09 -19.07 -35.18
N ALA A 379 0.39 -19.67 -34.21
CA ALA A 379 0.65 -21.04 -33.78
C ALA A 379 -0.05 -22.07 -34.68
N GLY A 380 -0.71 -21.64 -35.75
CA GLY A 380 -1.38 -22.56 -36.64
C GLY A 380 -2.69 -23.10 -36.13
N LEU A 381 -3.40 -22.32 -35.31
CA LEU A 381 -4.69 -22.73 -34.79
C LEU A 381 -5.78 -21.90 -35.45
N ARG A 382 -6.97 -22.49 -35.55
CA ARG A 382 -8.18 -21.74 -35.89
C ARG A 382 -9.10 -21.68 -34.68
N ILE A 383 -9.58 -20.48 -34.35
CA ILE A 383 -10.58 -20.34 -33.29
C ILE A 383 -11.96 -20.70 -33.83
N THR A 384 -12.61 -21.65 -33.21
CA THR A 384 -13.98 -22.00 -33.61
C THR A 384 -15.05 -21.42 -32.70
N GLY A 385 -14.66 -20.87 -31.54
CA GLY A 385 -15.65 -20.35 -30.60
C GLY A 385 -15.01 -19.59 -29.46
N ILE A 386 -15.62 -18.50 -29.02
CA ILE A 386 -15.20 -17.81 -27.81
C ILE A 386 -16.42 -17.68 -26.92
N HIS A 387 -16.30 -18.14 -25.67
CA HIS A 387 -17.42 -18.27 -24.75
C HIS A 387 -17.09 -17.45 -23.51
N TYR A 388 -17.69 -16.26 -23.44
CA TYR A 388 -17.43 -15.31 -22.37
C TYR A 388 -18.26 -15.58 -21.13
N SER A 389 -17.65 -15.33 -19.98
CA SER A 389 -18.38 -15.31 -18.73
C SER A 389 -19.30 -14.09 -18.74
N ASP A 390 -20.51 -14.25 -18.21
CA ASP A 390 -21.37 -13.08 -18.06
C ASP A 390 -21.12 -12.34 -16.75
N LYS A 391 -20.16 -12.79 -15.93
CA LYS A 391 -19.80 -12.10 -14.69
C LYS A 391 -18.39 -11.54 -14.66
N ALA A 392 -17.51 -11.93 -15.57
CA ALA A 392 -16.13 -11.50 -15.48
C ALA A 392 -15.60 -11.38 -16.91
N GLU A 393 -14.53 -10.59 -17.08
CA GLU A 393 -13.85 -10.49 -18.37
C GLU A 393 -12.95 -11.71 -18.49
N PHE A 394 -13.58 -12.84 -18.73
CA PHE A 394 -12.92 -14.14 -18.76
C PHE A 394 -13.65 -14.95 -19.82
N ALA A 395 -12.93 -15.80 -20.56
CA ALA A 395 -13.50 -16.51 -21.68
C ALA A 395 -12.80 -17.85 -21.88
N MET A 396 -13.52 -18.79 -22.51
CA MET A 396 -12.94 -19.98 -23.11
C MET A 396 -12.79 -19.74 -24.60
N ILE A 397 -11.56 -19.76 -25.09
CA ILE A 397 -11.25 -19.65 -26.52
C ILE A 397 -11.07 -21.09 -27.05
N VAL A 398 -11.98 -21.55 -27.91
CA VAL A 398 -11.93 -22.93 -28.41
C VAL A 398 -11.19 -22.99 -29.73
N CYS A 399 -10.17 -23.87 -29.84
CA CYS A 399 -9.29 -23.85 -31.00
C CYS A 399 -9.12 -25.24 -31.60
N GLU A 400 -8.97 -25.29 -32.89
CA GLU A 400 -8.54 -26.54 -33.52
C GLU A 400 -7.39 -26.22 -34.46
N LYS A 401 -6.68 -27.27 -34.88
CA LYS A 401 -5.64 -27.14 -35.91
C LYS A 401 -6.24 -26.51 -37.16
N ALA A 402 -5.59 -25.49 -37.69
CA ALA A 402 -6.03 -24.85 -38.95
C ALA A 402 -5.70 -25.73 -40.17
N SER B 10 -24.22 7.73 3.74
CA SER B 10 -24.91 6.68 2.98
C SER B 10 -24.66 6.90 1.50
N LEU B 11 -25.05 5.94 0.66
CA LEU B 11 -24.96 6.16 -0.77
C LEU B 11 -25.68 7.43 -1.16
N ASP B 12 -26.81 7.70 -0.51
CA ASP B 12 -27.59 8.88 -0.92
C ASP B 12 -26.95 10.17 -0.42
N THR B 13 -26.38 10.19 0.79
CA THR B 13 -25.75 11.45 1.18
C THR B 13 -24.46 11.71 0.40
N LEU B 14 -23.76 10.64 -0.02
CA LEU B 14 -22.62 10.80 -0.93
C LEU B 14 -23.09 11.42 -2.26
N ALA B 15 -24.18 10.89 -2.83
CA ALA B 15 -24.75 11.50 -4.03
C ALA B 15 -25.10 12.96 -3.79
N ALA B 16 -25.67 13.28 -2.61
CA ALA B 16 -26.01 14.67 -2.28
C ALA B 16 -24.76 15.57 -2.33
N LYS B 17 -23.66 15.10 -1.73
CA LYS B 17 -22.44 15.90 -1.76
C LYS B 17 -21.86 16.07 -3.17
N LEU B 18 -22.01 15.08 -4.07
CA LEU B 18 -21.54 15.25 -5.45
C LEU B 18 -22.40 16.27 -6.21
N ILE B 19 -23.72 16.18 -6.04
CA ILE B 19 -24.64 17.13 -6.67
C ILE B 19 -24.31 18.53 -6.20
N GLU B 20 -24.02 18.69 -4.91
CA GLU B 20 -23.65 19.99 -4.37
C GLU B 20 -22.36 20.50 -5.01
N LYS B 21 -21.29 19.69 -4.98
CA LYS B 21 -20.05 20.04 -5.63
C LYS B 21 -20.27 20.45 -7.09
N ALA B 22 -21.01 19.63 -7.85
CA ALA B 22 -21.26 19.93 -9.25
C ALA B 22 -21.93 21.29 -9.43
N LYS B 23 -22.90 21.61 -8.58
CA LYS B 23 -23.55 22.91 -8.75
C LYS B 23 -22.58 24.03 -8.41
N ASP B 24 -21.77 23.86 -7.37
CA ASP B 24 -20.86 24.94 -7.00
C ASP B 24 -19.73 25.12 -7.99
N LEU B 25 -19.37 24.09 -8.75
CA LEU B 25 -18.44 24.32 -9.84
C LEU B 25 -19.10 25.11 -10.95
N ARG B 26 -20.29 24.67 -11.38
CA ARG B 26 -21.01 25.40 -12.42
C ARG B 26 -21.25 26.85 -12.01
N ALA B 27 -21.56 27.09 -10.74
CA ALA B 27 -21.65 28.46 -10.26
C ALA B 27 -20.28 29.10 -10.02
N GLY B 28 -19.19 28.42 -10.36
CA GLY B 28 -17.86 28.98 -10.20
C GLY B 28 -17.42 29.29 -8.77
N ASN B 29 -18.09 28.74 -7.76
CA ASN B 29 -17.70 29.01 -6.39
C ASN B 29 -16.65 28.01 -5.89
N SER B 30 -16.06 28.35 -4.74
CA SER B 30 -14.91 27.62 -4.21
C SER B 30 -15.38 26.51 -3.28
N THR B 31 -14.93 25.28 -3.54
CA THR B 31 -15.09 24.21 -2.57
C THR B 31 -14.24 24.54 -1.35
N THR B 32 -14.85 24.60 -0.18
CA THR B 32 -14.06 24.82 1.01
C THR B 32 -13.23 23.57 1.33
N PRO B 33 -12.17 23.74 2.12
CA PRO B 33 -11.48 22.56 2.67
C PRO B 33 -12.40 21.70 3.50
N GLN B 34 -13.36 22.33 4.20
CA GLN B 34 -14.32 21.57 4.99
C GLN B 34 -15.26 20.76 4.12
N GLN B 35 -15.74 21.34 3.00
CA GLN B 35 -16.64 20.56 2.15
C GLN B 35 -15.89 19.42 1.49
N HIS B 36 -14.64 19.66 1.12
CA HIS B 36 -13.85 18.59 0.52
C HIS B 36 -13.68 17.45 1.50
N GLU B 37 -13.32 17.77 2.74
CA GLU B 37 -13.10 16.75 3.76
C GLU B 37 -14.36 15.92 3.96
N ALA B 38 -15.50 16.59 4.11
CA ALA B 38 -16.78 15.91 4.26
C ALA B 38 -17.07 14.97 3.09
N LEU B 39 -16.87 15.44 1.85
CA LEU B 39 -17.11 14.59 0.69
C LEU B 39 -16.22 13.35 0.71
N VAL B 40 -14.93 13.54 0.92
CA VAL B 40 -14.02 12.40 0.98
C VAL B 40 -14.34 11.49 2.17
N GLY B 41 -14.68 12.07 3.32
CA GLY B 41 -15.03 11.25 4.47
C GLY B 41 -16.25 10.38 4.21
N THR B 42 -17.26 10.94 3.53
CA THR B 42 -18.49 10.22 3.24
C THR B 42 -18.26 9.12 2.22
N LEU B 43 -17.50 9.42 1.17
CA LEU B 43 -17.04 8.36 0.25
C LEU B 43 -16.41 7.20 1.02
N LYS B 44 -15.45 7.49 1.89
CA LYS B 44 -14.78 6.45 2.68
C LYS B 44 -15.78 5.65 3.50
N GLN B 45 -16.75 6.33 4.13
CA GLN B 45 -17.77 5.63 4.90
C GLN B 45 -18.53 4.65 4.02
N VAL B 46 -18.94 5.10 2.85
CA VAL B 46 -19.71 4.25 1.94
C VAL B 46 -18.87 3.07 1.45
N GLN B 47 -17.63 3.33 1.03
CA GLN B 47 -16.80 2.21 0.61
C GLN B 47 -16.63 1.23 1.75
N ASP B 48 -16.47 1.73 2.97
CA ASP B 48 -16.33 0.79 4.08
C ASP B 48 -17.61 -0.03 4.31
N ALA B 49 -18.78 0.54 4.01
CA ALA B 49 -20.02 -0.22 4.12
C ALA B 49 -20.24 -1.18 2.95
N VAL B 50 -19.86 -0.76 1.74
CA VAL B 50 -20.16 -1.55 0.55
C VAL B 50 -19.05 -2.57 0.21
N TYR B 51 -17.76 -2.21 0.36
CA TYR B 51 -16.70 -3.11 -0.11
C TYR B 51 -16.69 -4.41 0.69
N LEU B 52 -16.58 -5.54 0.00
CA LEU B 52 -16.33 -6.81 0.67
C LEU B 52 -14.83 -6.94 0.95
N PRO B 53 -14.40 -7.94 1.73
CA PRO B 53 -12.94 -8.10 1.95
C PRO B 53 -12.16 -8.22 0.67
N ARG B 54 -12.72 -8.90 -0.33
CA ARG B 54 -11.98 -9.04 -1.56
C ARG B 54 -11.82 -7.69 -2.26
N ASP B 55 -12.82 -6.82 -2.16
CA ASP B 55 -12.66 -5.47 -2.68
C ASP B 55 -11.63 -4.66 -1.88
N ASP B 56 -11.64 -4.77 -0.53
CA ASP B 56 -10.64 -4.03 0.25
C ASP B 56 -9.24 -4.47 -0.16
N LEU B 57 -9.04 -5.79 -0.28
CA LEU B 57 -7.68 -6.26 -0.52
C LEU B 57 -7.25 -5.98 -1.95
N ALA B 58 -8.19 -6.04 -2.92
CA ALA B 58 -7.82 -5.69 -4.28
C ALA B 58 -7.48 -4.20 -4.40
N ALA B 59 -8.23 -3.35 -3.68
CA ALA B 59 -7.93 -1.91 -3.72
C ALA B 59 -6.56 -1.64 -3.11
N MET B 60 -6.20 -2.38 -2.07
CA MET B 60 -4.89 -2.23 -1.48
C MET B 60 -3.80 -2.64 -2.49
N GLN B 61 -3.99 -3.77 -3.17
CA GLN B 61 -2.96 -4.16 -4.15
C GLN B 61 -2.90 -3.15 -5.30
N MET B 62 -4.05 -2.63 -5.73
CA MET B 62 -4.02 -1.57 -6.75
C MET B 62 -3.20 -0.36 -6.29
N GLY B 63 -3.32 0.00 -5.01
CA GLY B 63 -2.52 1.06 -4.44
C GLY B 63 -1.03 0.81 -4.60
N PHE B 64 -0.57 -0.43 -4.35
CA PHE B 64 0.84 -0.75 -4.57
C PHE B 64 1.25 -0.46 -6.01
N VAL B 65 0.49 -0.93 -7.00
CA VAL B 65 0.93 -0.75 -8.38
C VAL B 65 0.72 0.69 -8.88
N THR B 66 -0.32 1.42 -8.46
CA THR B 66 -0.35 2.83 -8.87
C THR B 66 0.86 3.59 -8.28
N ALA B 67 1.24 3.30 -7.04
CA ALA B 67 2.42 3.99 -6.51
C ALA B 67 3.68 3.59 -7.28
N ALA B 68 3.82 2.30 -7.64
CA ALA B 68 5.01 1.89 -8.39
C ALA B 68 5.04 2.56 -9.76
N ALA B 69 3.87 2.67 -10.39
CA ALA B 69 3.80 3.30 -11.70
C ALA B 69 4.21 4.76 -11.61
N ILE B 70 3.69 5.47 -10.59
CA ILE B 70 4.08 6.88 -10.42
C ILE B 70 5.58 6.96 -10.16
N ARG B 71 6.10 6.11 -9.27
CA ARG B 71 7.55 6.10 -9.03
C ARG B 71 8.37 5.88 -10.31
N LEU B 72 7.95 4.93 -11.15
CA LEU B 72 8.69 4.63 -12.38
C LEU B 72 8.62 5.78 -13.36
N LEU B 73 7.46 6.44 -13.47
CA LEU B 73 7.38 7.59 -14.36
C LEU B 73 8.16 8.77 -13.78
N LEU B 74 8.16 8.94 -12.45
CA LEU B 74 9.06 9.93 -11.87
C LEU B 74 10.51 9.63 -12.26
N HIS B 75 10.90 8.37 -12.12
CA HIS B 75 12.27 7.97 -12.47
C HIS B 75 12.58 8.27 -13.91
N TRP B 76 11.62 8.05 -14.80
CA TRP B 76 11.86 8.30 -16.22
C TRP B 76 11.65 9.77 -16.60
N LYS B 77 11.28 10.63 -15.66
CA LYS B 77 11.05 12.04 -15.97
C LYS B 77 9.90 12.21 -16.96
N VAL B 78 8.89 11.33 -16.86
CA VAL B 78 7.78 11.36 -17.83
C VAL B 78 6.76 12.45 -17.46
N PHE B 79 6.49 12.65 -16.16
CA PHE B 79 5.51 13.69 -15.78
C PHE B 79 5.96 15.09 -16.20
N GLU B 80 7.28 15.33 -16.23
CA GLU B 80 7.81 16.63 -16.68
C GLU B 80 7.51 16.86 -18.16
N LYS B 81 7.45 15.81 -18.93
CA LYS B 81 7.30 15.95 -20.37
C LYS B 81 5.85 16.00 -20.81
N ILE B 82 4.91 15.63 -19.94
CA ILE B 82 3.49 15.82 -20.26
C ILE B 82 3.14 17.29 -20.00
N PRO B 83 2.60 18.01 -20.96
CA PRO B 83 2.37 19.45 -20.76
C PRO B 83 1.35 19.74 -19.67
N ASP B 84 1.47 20.93 -19.11
CA ASP B 84 0.56 21.33 -18.06
C ASP B 84 -0.90 21.21 -18.50
N THR B 85 -1.19 21.56 -19.74
CA THR B 85 -2.53 21.38 -20.28
C THR B 85 -2.37 20.90 -21.71
N GLY B 86 -3.45 20.37 -22.27
CA GLY B 86 -3.32 19.69 -23.53
C GLY B 86 -2.74 18.31 -23.30
N SER B 87 -2.17 17.72 -24.35
CA SER B 87 -1.75 16.32 -24.33
C SER B 87 -0.50 16.14 -25.20
N ILE B 88 0.14 15.00 -25.05
CA ILE B 88 1.34 14.65 -25.80
C ILE B 88 1.15 13.23 -26.30
N ARG B 89 1.58 12.97 -27.54
CA ARG B 89 1.48 11.63 -28.10
C ARG B 89 2.40 10.68 -27.34
N TYR B 90 1.92 9.46 -27.10
CA TYR B 90 2.79 8.45 -26.49
C TYR B 90 4.11 8.31 -27.23
N GLU B 91 4.07 8.36 -28.58
CA GLU B 91 5.31 8.16 -29.35
C GLU B 91 6.29 9.29 -29.12
N GLU B 92 5.78 10.51 -28.95
CA GLU B 92 6.62 11.65 -28.64
C GLU B 92 7.23 11.50 -27.24
N LEU B 93 6.40 11.14 -26.25
CA LEU B 93 6.91 10.84 -24.91
C LEU B 93 8.06 9.85 -24.99
N ALA B 94 7.80 8.73 -25.66
CA ALA B 94 8.79 7.65 -25.80
C ALA B 94 10.08 8.17 -26.42
N THR B 95 9.98 8.97 -27.49
CA THR B 95 11.19 9.52 -28.11
C THR B 95 11.94 10.40 -27.14
N GLN B 96 11.24 11.21 -26.35
CA GLN B 96 11.92 12.15 -25.47
C GLN B 96 12.54 11.48 -24.26
N VAL B 97 11.95 10.37 -23.82
CA VAL B 97 12.54 9.54 -22.77
C VAL B 97 13.64 8.68 -23.34
N GLY B 98 13.57 8.35 -24.62
CA GLY B 98 14.48 7.39 -25.21
C GLY B 98 14.15 5.97 -24.82
N GLY B 99 12.85 5.63 -24.72
CA GLY B 99 12.46 4.26 -24.44
C GLY B 99 11.37 3.76 -25.38
N ASP B 100 11.03 2.49 -25.19
CA ASP B 100 10.01 1.81 -25.98
C ASP B 100 8.60 2.35 -25.69
N VAL B 101 7.92 2.79 -26.74
CA VAL B 101 6.56 3.31 -26.62
C VAL B 101 5.58 2.28 -26.04
N VAL B 102 5.83 0.97 -26.27
CA VAL B 102 4.89 -0.03 -25.79
C VAL B 102 4.85 -0.07 -24.27
N ILE B 103 6.02 -0.16 -23.62
CA ILE B 103 6.05 -0.24 -22.16
C ILE B 103 5.66 1.11 -21.52
N ILE B 104 6.09 2.23 -22.12
CA ILE B 104 5.70 3.53 -21.55
C ILE B 104 4.19 3.66 -21.60
N THR B 105 3.59 3.23 -22.71
CA THR B 105 2.13 3.29 -22.84
C THR B 105 1.42 2.36 -21.84
N ARG B 106 1.94 1.14 -21.64
CA ARG B 106 1.35 0.25 -20.66
C ARG B 106 1.37 0.85 -19.27
N ILE B 107 2.47 1.48 -18.89
CA ILE B 107 2.57 2.08 -17.56
C ILE B 107 1.57 3.23 -17.42
N CYS B 108 1.52 4.11 -18.43
CA CYS B 108 0.55 5.17 -18.46
C CYS B 108 -0.86 4.62 -18.37
N TRP B 109 -1.16 3.53 -19.07
CA TRP B 109 -2.52 2.97 -19.04
C TRP B 109 -3.00 2.59 -17.64
N LEU B 110 -2.10 2.13 -16.79
CA LEU B 110 -2.55 1.85 -15.43
C LEU B 110 -3.04 3.13 -14.75
N LEU B 111 -2.31 4.22 -14.99
CA LEU B 111 -2.69 5.50 -14.40
C LEU B 111 -3.91 6.09 -15.07
N VAL B 112 -4.13 5.80 -16.36
CA VAL B 112 -5.40 6.20 -16.98
C VAL B 112 -6.56 5.41 -16.40
N ALA B 113 -6.39 4.10 -16.19
CA ALA B 113 -7.47 3.27 -15.62
C ALA B 113 -7.84 3.66 -14.19
N THR B 114 -6.93 4.31 -13.45
CA THR B 114 -7.18 4.75 -12.09
C THR B 114 -7.40 6.25 -12.00
N GLY B 115 -7.63 6.93 -13.13
CA GLY B 115 -7.97 8.34 -13.11
C GLY B 115 -6.85 9.29 -12.74
N PHE B 116 -5.60 8.84 -12.70
CA PHE B 116 -4.48 9.78 -12.51
C PHE B 116 -4.17 10.56 -13.78
N LEU B 117 -4.11 9.87 -14.91
CA LEU B 117 -3.86 10.47 -16.21
C LEU B 117 -5.13 10.31 -17.03
N VAL B 118 -5.23 11.07 -18.12
CA VAL B 118 -6.34 10.90 -19.05
C VAL B 118 -5.78 10.82 -20.45
N GLN B 119 -6.46 10.05 -21.30
CA GLN B 119 -6.13 9.93 -22.72
C GLN B 119 -7.02 10.88 -23.51
N GLU B 120 -6.46 11.49 -24.56
CA GLU B 120 -7.23 12.29 -25.49
C GLU B 120 -7.02 11.67 -26.86
N GLY B 121 -7.97 10.82 -27.26
CA GLY B 121 -7.78 9.95 -28.41
C GLY B 121 -6.83 8.86 -27.98
N SER B 122 -6.80 7.73 -28.71
CA SER B 122 -6.00 6.58 -28.30
C SER B 122 -4.49 6.83 -28.33
N ASP B 123 -4.05 8.01 -28.79
CA ASP B 123 -2.65 8.27 -29.10
C ASP B 123 -1.94 9.20 -28.12
N ARG B 124 -2.66 9.83 -27.19
CA ARG B 124 -2.12 10.98 -26.49
C ARG B 124 -2.51 10.95 -25.02
N VAL B 125 -1.66 11.50 -24.15
CA VAL B 125 -1.95 11.43 -22.73
C VAL B 125 -1.82 12.82 -22.14
N ALA B 126 -2.51 13.05 -21.02
CA ALA B 126 -2.56 14.36 -20.40
C ALA B 126 -2.59 14.23 -18.88
N HIS B 127 -2.14 15.27 -18.20
CA HIS B 127 -2.28 15.40 -16.76
C HIS B 127 -3.73 15.50 -16.27
N THR B 128 -3.92 15.14 -14.99
CA THR B 128 -5.04 15.65 -14.20
C THR B 128 -4.47 16.45 -13.03
N ALA B 129 -5.37 17.02 -12.23
CA ALA B 129 -4.93 17.68 -11.00
C ALA B 129 -4.18 16.71 -10.11
N ARG B 130 -4.45 15.41 -10.25
CA ARG B 130 -3.78 14.42 -9.39
C ARG B 130 -2.33 14.17 -9.78
N THR B 131 -1.92 14.49 -11.00
CA THR B 131 -0.54 14.22 -11.44
C THR B 131 0.29 15.47 -11.64
N ARG B 132 -0.30 16.66 -11.75
CA ARG B 132 0.53 17.85 -11.94
C ARG B 132 1.57 18.06 -10.84
N PRO B 133 1.33 17.78 -9.57
CA PRO B 133 2.43 17.91 -8.59
C PRO B 133 3.65 17.07 -8.94
N PHE B 134 3.48 16.01 -9.73
CA PHE B 134 4.65 15.19 -10.06
C PHE B 134 5.50 15.79 -11.18
N ALA B 135 5.04 16.85 -11.84
CA ALA B 135 5.75 17.36 -13.00
C ALA B 135 6.83 18.37 -12.65
N GLY B 136 7.16 18.56 -11.39
CA GLY B 136 8.30 19.42 -11.07
C GLY B 136 8.61 19.32 -9.59
N VAL B 137 9.60 20.10 -9.16
CA VAL B 137 10.03 20.05 -7.76
C VAL B 137 9.07 20.86 -6.90
N ASN B 138 8.57 20.25 -5.82
CA ASN B 138 7.75 20.91 -4.82
C ASN B 138 7.65 20.02 -3.59
N PRO B 139 7.11 20.53 -2.48
CA PRO B 139 7.14 19.76 -1.23
C PRO B 139 6.29 18.51 -1.23
N LEU B 140 5.13 18.50 -1.89
CA LEU B 140 4.33 17.27 -1.91
C LEU B 140 5.05 16.17 -2.68
N ARG B 141 5.63 16.51 -3.82
CA ARG B 141 6.40 15.53 -4.57
C ARG B 141 7.62 15.05 -3.80
N ALA B 142 8.33 15.97 -3.14
CA ALA B 142 9.46 15.56 -2.34
C ALA B 142 9.00 14.65 -1.21
N TRP B 143 7.90 15.03 -0.54
CA TRP B 143 7.36 14.21 0.53
C TRP B 143 6.95 12.84 0.02
N TRP B 144 6.29 12.82 -1.13
CA TRP B 144 5.89 11.57 -1.77
C TRP B 144 7.10 10.66 -2.01
N LEU B 145 8.16 11.22 -2.61
CA LEU B 145 9.38 10.44 -2.90
C LEU B 145 10.10 9.99 -1.64
N MET B 146 10.12 10.84 -0.62
CA MET B 146 10.73 10.45 0.64
C MET B 146 10.01 9.27 1.27
N GLY B 147 8.67 9.34 1.34
CA GLY B 147 7.92 8.22 1.89
C GLY B 147 8.12 6.95 1.10
N TYR B 148 8.10 7.05 -0.22
CA TYR B 148 8.22 5.86 -1.02
C TYR B 148 9.63 5.30 -0.92
N ASP B 149 10.66 6.13 -1.10
CA ASP B 149 12.02 5.58 -1.20
C ASP B 149 12.64 5.30 0.17
N GLU B 150 12.34 6.13 1.17
CA GLU B 150 12.94 5.96 2.51
C GLU B 150 12.11 5.10 3.44
N TYR B 151 10.81 4.99 3.23
CA TYR B 151 10.05 4.23 4.21
C TYR B 151 9.51 2.90 3.70
N VAL B 152 9.02 2.80 2.47
CA VAL B 152 8.43 1.55 2.00
C VAL B 152 9.39 0.35 2.13
N PRO B 153 10.65 0.43 1.71
CA PRO B 153 11.58 -0.70 1.92
C PRO B 153 11.72 -1.05 3.40
N VAL B 154 11.70 -0.05 4.29
CA VAL B 154 11.81 -0.32 5.73
C VAL B 154 10.56 -1.03 6.23
N LEU B 155 9.38 -0.66 5.70
CA LEU B 155 8.16 -1.38 6.07
C LEU B 155 8.23 -2.83 5.63
N LEU B 156 8.74 -3.07 4.41
CA LEU B 156 8.89 -4.44 3.94
C LEU B 156 9.85 -5.25 4.82
N ALA B 157 10.88 -4.60 5.37
CA ALA B 157 11.89 -5.22 6.22
C ALA B 157 11.42 -5.52 7.64
N MET B 158 10.22 -5.10 8.02
CA MET B 158 9.81 -5.23 9.42
C MET B 158 9.73 -6.67 9.91
N PRO B 159 9.13 -7.61 9.19
CA PRO B 159 9.14 -8.98 9.72
C PRO B 159 10.57 -9.49 9.95
N ARG B 160 11.50 -9.22 9.03
CA ARG B 160 12.89 -9.63 9.22
C ARG B 160 13.49 -8.92 10.41
N TYR B 161 13.21 -7.62 10.55
CA TYR B 161 13.71 -6.88 11.72
C TYR B 161 13.27 -7.54 13.00
N TYR B 162 11.97 -7.80 13.14
CA TYR B 162 11.52 -8.32 14.43
C TYR B 162 11.91 -9.78 14.62
N ASP B 163 12.18 -10.53 13.51
CA ASP B 163 12.81 -11.84 13.66
C ASP B 163 14.19 -11.73 14.25
N THR B 164 14.88 -10.63 13.96
CA THR B 164 16.26 -10.45 14.35
C THR B 164 16.34 -9.96 15.78
N TYR B 165 15.57 -8.93 16.11
CA TYR B 165 15.65 -8.31 17.42
C TYR B 165 14.62 -8.83 18.43
N GLY B 166 13.71 -9.69 18.02
CA GLY B 166 12.61 -10.00 18.95
C GLY B 166 11.40 -9.14 18.70
N ILE B 167 10.22 -9.67 19.05
CA ILE B 167 8.98 -8.88 19.03
C ILE B 167 9.00 -7.93 20.23
N LYS B 168 9.63 -6.78 20.05
CA LYS B 168 9.91 -5.83 21.11
C LYS B 168 9.78 -4.44 20.51
N GLU B 169 9.21 -3.55 21.27
CA GLU B 169 9.10 -2.16 20.83
C GLU B 169 10.48 -1.59 20.51
N PRO B 170 10.71 -1.05 19.31
CA PRO B 170 12.03 -0.51 18.96
C PRO B 170 12.18 0.86 19.60
N THR B 171 13.06 0.97 20.59
CA THR B 171 13.15 2.20 21.35
C THR B 171 14.49 2.93 21.28
N GLY B 172 15.52 2.36 20.68
CA GLY B 172 16.81 3.03 20.67
C GLY B 172 16.98 3.99 19.50
N ARG B 173 17.97 4.88 19.67
CA ARG B 173 18.50 5.65 18.53
C ARG B 173 19.38 4.79 17.61
N LEU B 174 20.00 3.73 18.14
CA LEU B 174 20.73 2.77 17.34
C LEU B 174 19.85 1.55 17.11
N HIS B 175 20.24 0.73 16.13
CA HIS B 175 19.50 -0.49 15.79
C HIS B 175 18.03 -0.19 15.49
N THR B 176 17.80 0.98 14.87
CA THR B 176 16.44 1.29 14.38
C THR B 176 16.08 0.38 13.21
N ILE B 177 14.79 0.26 12.94
CA ILE B 177 14.42 -0.50 11.73
C ILE B 177 15.03 0.16 10.49
N LYS B 178 15.02 1.48 10.44
CA LYS B 178 15.58 2.18 9.27
C LYS B 178 17.07 1.84 9.09
N ALA B 179 17.84 1.93 10.17
CA ALA B 179 19.28 1.67 10.07
C ALA B 179 19.54 0.21 9.76
N PHE B 180 18.75 -0.69 10.36
CA PHE B 180 18.84 -2.12 10.03
C PHE B 180 18.63 -2.36 8.54
N THR B 181 17.64 -1.70 7.96
CA THR B 181 17.34 -1.86 6.54
C THR B 181 18.50 -1.36 5.68
N GLU B 182 19.06 -0.21 6.08
CA GLU B 182 20.23 0.38 5.40
C GLU B 182 21.50 -0.47 5.53
N GLY B 183 21.57 -1.36 6.52
CA GLY B 183 22.75 -2.20 6.71
C GLY B 183 23.73 -1.65 7.71
N SER B 184 23.37 -0.57 8.41
CA SER B 184 24.23 0.13 9.36
C SER B 184 23.53 0.36 10.70
N PRO B 185 23.08 -0.70 11.38
CA PRO B 185 22.36 -0.50 12.65
C PRO B 185 23.21 0.12 13.73
N GLU B 186 24.56 0.14 13.58
CA GLU B 186 25.41 0.81 14.56
C GLU B 186 25.40 2.34 14.44
N LEU B 187 24.73 2.88 13.43
CA LEU B 187 24.65 4.31 13.19
C LEU B 187 23.26 4.83 13.53
N THR B 188 23.18 6.09 13.95
CA THR B 188 21.87 6.72 14.05
C THR B 188 21.32 7.03 12.67
N VAL B 189 20.02 7.32 12.66
CA VAL B 189 19.40 7.72 11.39
C VAL B 189 20.01 9.02 10.86
N GLY B 190 20.33 9.97 11.75
CA GLY B 190 20.99 11.19 11.30
C GLY B 190 22.37 10.95 10.69
N GLU B 191 23.15 10.06 11.29
CA GLU B 191 24.45 9.71 10.74
C GLU B 191 24.32 9.03 9.37
N ILE B 192 23.32 8.16 9.23
CA ILE B 192 23.10 7.54 7.92
C ILE B 192 22.74 8.61 6.90
N MET B 193 21.86 9.56 7.27
CA MET B 193 21.42 10.56 6.30
C MET B 193 22.56 11.50 5.92
N SER B 194 23.51 11.73 6.85
CA SER B 194 24.65 12.58 6.53
C SER B 194 25.55 11.93 5.49
N ARG B 195 25.42 10.62 5.27
CA ARG B 195 26.15 9.92 4.23
C ARG B 195 25.45 9.95 2.88
N HIS B 196 24.27 10.60 2.81
CA HIS B 196 23.39 10.56 1.63
C HIS B 196 22.89 11.98 1.32
N PRO B 197 23.70 12.78 0.63
CA PRO B 197 23.34 14.20 0.41
C PRO B 197 22.13 14.41 -0.49
N GLU B 198 21.96 13.59 -1.54
CA GLU B 198 20.78 13.79 -2.37
C GLU B 198 19.51 13.43 -1.62
N ARG B 199 19.55 12.35 -0.84
CA ARG B 199 18.36 11.96 -0.10
C ARG B 199 18.06 12.98 1.00
N THR B 200 19.10 13.50 1.64
CA THR B 200 18.89 14.56 2.62
C THR B 200 18.25 15.80 1.99
N ALA B 201 18.76 16.25 0.84
CA ALA B 201 18.21 17.42 0.18
C ALA B 201 16.72 17.25 -0.05
N ASN B 202 16.33 16.10 -0.61
CA ASN B 202 14.91 15.85 -0.80
C ASN B 202 14.17 15.88 0.52
N MET B 203 14.80 15.36 1.58
CA MET B 203 14.12 15.29 2.86
C MET B 203 13.92 16.67 3.45
N LEU B 204 14.91 17.56 3.30
CA LEU B 204 14.79 18.91 3.82
C LEU B 204 13.52 19.59 3.32
N ILE B 205 13.22 19.42 2.02
CA ILE B 205 11.97 19.95 1.49
C ILE B 205 10.77 19.26 2.13
N SER B 206 10.81 17.93 2.23
CA SER B 206 9.76 17.20 2.95
C SER B 206 9.57 17.76 4.35
N MET B 207 10.67 17.90 5.09
CA MET B 207 10.67 18.33 6.50
C MET B 207 9.88 19.61 6.71
N SER B 208 9.99 20.56 5.77
CA SER B 208 9.30 21.82 5.91
C SER B 208 7.79 21.65 5.88
N ALA B 209 7.29 20.71 5.07
CA ALA B 209 5.84 20.56 4.91
C ALA B 209 5.16 20.07 6.19
N MET B 210 5.72 19.06 6.84
CA MET B 210 5.08 18.50 8.04
C MET B 210 5.06 19.53 9.18
N ALA B 211 6.13 20.30 9.35
CA ALA B 211 6.19 21.30 10.42
C ALA B 211 5.06 22.33 10.28
N SER B 212 4.75 22.73 9.04
CA SER B 212 3.79 23.78 8.76
C SER B 212 2.36 23.39 9.13
N GLN B 213 2.06 22.10 9.23
CA GLN B 213 0.67 21.64 9.34
C GLN B 213 0.23 21.34 10.77
N TYR B 214 1.08 21.62 11.80
CA TYR B 214 0.53 21.62 13.15
C TYR B 214 0.50 23.05 13.72
N PRO B 215 -0.52 23.42 14.50
CA PRO B 215 -0.63 24.80 14.95
C PRO B 215 0.46 25.16 15.96
N HIS B 216 0.91 26.41 15.91
CA HIS B 216 1.87 26.89 16.89
C HIS B 216 1.21 27.61 18.06
N THR B 217 0.06 28.23 17.81
CA THR B 217 -0.70 28.96 18.82
C THR B 217 -2.17 28.70 18.58
N GLY B 218 -3.02 29.28 19.43
CA GLY B 218 -4.44 29.26 19.22
C GLY B 218 -5.18 28.33 20.13
N PHE B 219 -4.47 27.48 20.90
CA PHE B 219 -5.07 26.45 21.73
C PHE B 219 -4.46 26.40 23.11
N TYR B 220 -3.53 27.31 23.40
CA TYR B 220 -2.89 27.38 24.71
C TYR B 220 -2.64 28.86 25.01
N ASP B 221 -2.91 29.27 26.26
CA ASP B 221 -2.71 30.67 26.69
C ASP B 221 -1.30 30.83 27.24
N PHE B 222 -0.41 31.44 26.45
CA PHE B 222 0.93 31.79 26.93
C PHE B 222 0.99 33.10 27.73
N SER B 223 -0.11 33.86 27.85
CA SER B 223 0.03 35.23 28.35
C SER B 223 0.40 35.28 29.82
N TRP B 224 0.28 34.18 30.56
CA TRP B 224 0.68 34.18 31.96
C TRP B 224 2.18 34.39 32.16
N VAL B 225 2.98 34.25 31.09
CA VAL B 225 4.39 34.67 31.15
C VAL B 225 4.52 36.19 31.22
N ALA B 226 3.51 36.97 30.78
CA ALA B 226 3.66 38.43 30.76
C ALA B 226 3.90 39.03 32.14
N PRO B 227 3.15 38.68 33.18
CA PRO B 227 3.42 39.31 34.49
C PRO B 227 4.80 38.99 35.03
N LYS B 228 5.32 37.80 34.76
CA LYS B 228 6.67 37.51 35.22
C LYS B 228 7.66 38.41 34.51
N ALA B 229 7.47 38.64 33.21
CA ALA B 229 8.36 39.55 32.52
C ALA B 229 8.30 40.96 33.13
N ALA B 230 7.19 41.34 33.76
CA ALA B 230 7.12 42.69 34.33
C ALA B 230 7.75 42.75 35.72
N GLU B 231 7.57 41.68 36.51
CA GLU B 231 8.21 41.58 37.83
C GLU B 231 9.73 41.52 37.72
N SER B 232 10.23 40.62 36.87
CA SER B 232 11.66 40.35 36.75
C SER B 232 12.18 41.05 35.52
N ALA B 233 13.19 41.92 35.68
CA ALA B 233 13.86 42.36 34.47
C ALA B 233 14.79 41.28 33.92
N THR B 234 15.14 40.27 34.71
CA THR B 234 16.25 39.37 34.33
C THR B 234 15.82 37.97 33.87
N ARG B 235 14.82 37.36 34.50
CA ARG B 235 14.56 35.95 34.26
C ARG B 235 14.37 35.64 32.78
N PRO B 236 15.02 34.60 32.24
CA PRO B 236 14.70 34.19 30.87
C PRO B 236 13.25 33.72 30.84
N LEU B 237 12.56 34.01 29.75
CA LEU B 237 11.13 33.74 29.72
C LEU B 237 10.83 32.38 29.08
N ILE B 238 10.88 32.30 27.76
CA ILE B 238 10.56 31.06 27.06
C ILE B 238 11.83 30.52 26.37
N VAL B 239 12.21 29.30 26.71
CA VAL B 239 13.30 28.61 26.04
C VAL B 239 12.72 27.57 25.09
N ASP B 240 12.95 27.73 23.79
CA ASP B 240 12.44 26.79 22.78
C ASP B 240 13.57 25.82 22.44
N ILE B 241 13.46 24.61 22.96
CA ILE B 241 14.49 23.57 22.80
C ILE B 241 14.29 22.83 21.47
N GLY B 242 15.28 22.93 20.59
CA GLY B 242 15.08 22.42 19.24
C GLY B 242 14.02 23.17 18.45
N GLY B 243 13.91 24.49 18.68
CA GLY B 243 12.92 25.38 18.03
C GLY B 243 13.14 25.62 16.55
N ALA B 244 14.14 24.99 15.92
CA ALA B 244 14.30 25.11 14.48
C ALA B 244 14.62 26.56 14.11
N LYS B 245 13.94 27.11 13.12
CA LYS B 245 14.17 28.51 12.73
C LYS B 245 13.46 29.49 13.62
N GLY B 246 12.88 29.05 14.72
CA GLY B 246 12.26 29.99 15.65
C GLY B 246 10.85 30.40 15.28
N TRP B 247 10.18 29.67 14.38
CA TRP B 247 8.81 30.03 14.02
C TRP B 247 7.86 30.02 15.22
N THR B 248 8.00 29.04 16.13
CA THR B 248 7.11 28.99 17.28
C THR B 248 7.27 30.24 18.16
N LEU B 249 8.52 30.64 18.42
CA LEU B 249 8.74 31.80 19.27
C LEU B 249 8.17 33.07 18.65
N GLN B 250 8.37 33.23 17.34
CA GLN B 250 7.79 34.37 16.64
C GLN B 250 6.27 34.36 16.77
N ALA B 251 5.64 33.18 16.61
CA ALA B 251 4.19 33.14 16.68
C ALA B 251 3.68 33.51 18.07
N ILE B 252 4.34 32.98 19.12
CA ILE B 252 3.91 33.25 20.48
C ILE B 252 3.97 34.74 20.78
N CYS B 253 5.09 35.39 20.41
CA CYS B 253 5.32 36.78 20.75
C CYS B 253 4.53 37.73 19.85
N LYS B 254 4.24 37.31 18.62
CA LYS B 254 3.24 38.04 17.85
C LYS B 254 1.87 37.98 18.52
N GLU B 255 1.45 36.77 18.95
CA GLU B 255 0.15 36.61 19.57
C GLU B 255 0.04 37.37 20.89
N THR B 256 1.11 37.41 21.68
CA THR B 256 1.11 38.13 22.97
C THR B 256 2.32 39.05 23.01
N PRO B 257 2.19 40.28 22.49
CA PRO B 257 3.35 41.18 22.39
C PRO B 257 3.91 41.61 23.74
N GLU B 258 3.17 41.40 24.83
CA GLU B 258 3.73 41.66 26.15
C GLU B 258 4.79 40.64 26.56
N ILE B 259 5.03 39.62 25.74
CA ILE B 259 6.15 38.70 25.93
C ILE B 259 7.27 39.17 24.99
N PRO B 260 8.33 39.78 25.50
CA PRO B 260 9.39 40.26 24.61
C PRO B 260 10.19 39.07 24.09
N ILE B 261 10.21 38.92 22.76
CA ILE B 261 10.96 37.84 22.16
C ILE B 261 12.43 38.01 22.47
N SER B 262 12.85 39.23 22.86
CA SER B 262 14.24 39.46 23.21
C SER B 262 14.60 38.78 24.52
N ARG B 263 13.63 38.42 25.36
CA ARG B 263 13.96 37.63 26.54
C ARG B 263 13.65 36.16 26.36
N CYS B 264 13.43 35.73 25.14
CA CYS B 264 13.28 34.30 24.90
C CYS B 264 14.58 33.76 24.33
N VAL B 265 14.66 32.44 24.23
CA VAL B 265 15.90 31.74 23.85
C VAL B 265 15.56 30.65 22.86
N LEU B 266 16.23 30.66 21.71
CA LEU B 266 16.06 29.66 20.68
C LEU B 266 17.28 28.75 20.69
N GLN B 267 17.07 27.46 20.90
CA GLN B 267 18.14 26.48 20.94
C GLN B 267 17.99 25.50 19.77
N ASP B 268 19.09 25.22 19.07
CA ASP B 268 19.06 24.16 18.05
C ASP B 268 20.50 23.77 17.72
N LEU B 269 20.69 23.09 16.60
CA LEU B 269 22.02 22.73 16.13
C LEU B 269 22.75 23.94 15.55
N SER B 270 24.09 23.92 15.67
CA SER B 270 24.94 24.99 15.14
C SER B 270 24.52 25.44 13.74
N GLY B 271 24.40 24.50 12.79
CA GLY B 271 24.06 24.87 11.42
C GLY B 271 22.72 25.57 11.29
N VAL B 272 21.77 25.21 12.15
CA VAL B 272 20.43 25.82 12.11
C VAL B 272 20.45 27.20 12.76
N ILE B 273 21.12 27.35 13.91
CA ILE B 273 21.31 28.65 14.52
C ILE B 273 22.00 29.61 13.55
N GLN B 274 23.04 29.14 12.85
CA GLN B 274 23.78 30.02 11.96
C GLN B 274 22.88 30.55 10.84
N MET B 275 22.05 29.66 10.25
CA MET B 275 21.14 30.12 9.22
C MET B 275 20.11 31.11 9.77
N VAL B 276 19.69 30.97 11.03
CA VAL B 276 18.81 31.99 11.63
C VAL B 276 19.53 33.33 11.73
N GLN B 277 20.77 33.30 12.24
CA GLN B 277 21.58 34.52 12.35
C GLN B 277 21.80 35.20 11.00
N THR B 278 21.82 34.43 9.92
CA THR B 278 22.10 34.98 8.59
C THR B 278 20.83 35.48 7.88
N VAL B 279 19.82 34.62 7.70
CA VAL B 279 18.63 34.97 6.93
C VAL B 279 17.34 34.95 7.76
N GLY B 280 17.45 34.88 9.09
CA GLY B 280 16.26 34.95 9.93
C GLY B 280 15.73 36.37 10.03
N ASP B 281 14.41 36.48 10.11
CA ASP B 281 13.78 37.78 10.23
C ASP B 281 14.21 38.48 11.54
N GLU B 282 13.90 39.78 11.62
CA GLU B 282 14.50 40.62 12.65
C GLU B 282 14.00 40.25 14.05
N ASP B 283 12.74 39.85 14.19
CA ASP B 283 12.24 39.55 15.54
C ASP B 283 13.00 38.36 16.13
N ILE B 284 13.13 37.28 15.35
CA ILE B 284 13.79 36.08 15.87
C ILE B 284 15.28 36.35 16.10
N ARG B 285 15.91 37.14 15.22
CA ARG B 285 17.32 37.46 15.40
C ARG B 285 17.57 38.28 16.67
N SER B 286 16.53 38.95 17.18
CA SER B 286 16.61 39.65 18.45
C SER B 286 16.59 38.72 19.66
N ALA B 287 16.07 37.50 19.51
CA ALA B 287 16.09 36.54 20.60
C ALA B 287 17.52 36.06 20.87
N GLN B 288 17.74 35.50 22.05
CA GLN B 288 19.01 34.86 22.32
C GLN B 288 19.07 33.51 21.59
N LEU B 289 20.01 33.39 20.64
CA LEU B 289 20.21 32.15 19.88
C LEU B 289 21.37 31.36 20.46
N MET B 290 21.21 30.04 20.58
CA MET B 290 22.19 29.17 21.24
C MET B 290 22.26 27.82 20.54
N ALA B 291 23.46 27.41 20.13
CA ALA B 291 23.71 26.04 19.70
C ALA B 291 23.80 25.15 20.93
N ILE B 292 23.06 24.04 20.94
CA ILE B 292 23.07 23.10 22.05
C ILE B 292 22.98 21.68 21.48
N ASP B 293 23.24 20.71 22.36
CA ASP B 293 22.85 19.34 22.12
C ASP B 293 21.88 18.96 23.23
N PHE B 294 20.58 18.88 22.90
CA PHE B 294 19.66 18.63 24.01
C PHE B 294 19.79 17.20 24.55
N HIS B 295 20.62 16.32 23.94
CA HIS B 295 20.82 15.04 24.58
C HIS B 295 21.75 15.13 25.78
N LYS B 296 22.53 16.21 25.89
CA LYS B 296 23.58 16.32 26.90
C LYS B 296 23.45 17.52 27.83
N GLU B 297 22.62 18.52 27.51
CA GLU B 297 22.72 19.76 28.25
C GLU B 297 21.44 20.58 28.11
N GLN B 298 21.17 21.34 29.16
CA GLN B 298 20.29 22.50 29.07
C GLN B 298 21.04 23.67 29.71
N PRO B 299 21.62 24.57 28.91
CA PRO B 299 22.47 25.63 29.48
C PRO B 299 21.70 26.75 30.16
N VAL B 300 20.49 27.07 29.73
CA VAL B 300 19.76 28.21 30.31
C VAL B 300 19.17 27.80 31.64
N GLN B 301 19.61 28.45 32.73
CA GLN B 301 19.17 28.13 34.08
C GLN B 301 18.01 29.02 34.52
N GLY B 302 17.01 28.40 35.15
CA GLY B 302 15.94 29.11 35.82
C GLY B 302 14.94 29.84 34.93
N ALA B 303 14.82 29.48 33.65
CA ALA B 303 13.82 30.12 32.80
C ALA B 303 12.41 29.80 33.29
N LEU B 304 11.46 30.67 32.94
CA LEU B 304 10.08 30.45 33.34
C LEU B 304 9.47 29.26 32.60
N VAL B 305 9.71 29.18 31.29
CA VAL B 305 9.17 28.12 30.43
C VAL B 305 10.28 27.49 29.60
N TYR B 306 10.30 26.15 29.57
CA TYR B 306 11.06 25.40 28.61
C TYR B 306 10.05 24.67 27.73
N MET B 307 10.15 24.84 26.43
CA MET B 307 9.23 24.23 25.49
C MET B 307 9.92 23.14 24.66
N ILE B 308 9.26 21.99 24.52
CA ILE B 308 9.78 20.88 23.68
C ILE B 308 8.65 20.50 22.73
N ARG B 309 8.75 20.95 21.47
CA ARG B 309 7.65 20.81 20.52
C ARG B 309 8.01 19.80 19.43
N ARG B 310 7.23 18.70 19.36
N ARG B 310 7.24 18.71 19.36
CA ARG B 310 7.37 17.69 18.31
CA ARG B 310 7.36 17.69 18.30
C ARG B 310 8.78 17.12 18.26
C ARG B 310 8.78 17.12 18.26
N ILE B 311 9.36 16.92 19.43
CA ILE B 311 10.67 16.32 19.57
C ILE B 311 10.60 14.98 20.28
N LEU B 312 9.88 14.90 21.39
CA LEU B 312 9.84 13.67 22.19
C LEU B 312 9.25 12.52 21.39
N ARG B 313 8.33 12.81 20.46
CA ARG B 313 7.79 11.75 19.59
C ARG B 313 8.86 10.99 18.82
N ASP B 314 10.03 11.58 18.62
CA ASP B 314 11.06 10.93 17.82
C ASP B 314 11.98 10.01 18.62
N PHE B 315 11.78 9.90 19.94
CA PHE B 315 12.69 9.15 20.80
C PHE B 315 11.95 8.16 21.68
N GLY B 316 12.66 7.11 22.12
CA GLY B 316 12.10 6.19 23.09
C GLY B 316 12.05 6.79 24.49
N ASP B 317 11.42 6.04 25.40
CA ASP B 317 11.16 6.54 26.76
C ASP B 317 12.45 6.93 27.45
N ASP B 318 13.43 6.01 27.48
CA ASP B 318 14.68 6.32 28.18
C ASP B 318 15.35 7.56 27.64
N GLU B 319 15.36 7.70 26.31
CA GLU B 319 15.99 8.86 25.72
C GLU B 319 15.18 10.12 26.05
N CYS B 320 13.85 10.04 25.99
CA CYS B 320 13.02 11.19 26.43
C CYS B 320 13.29 11.57 27.89
N VAL B 321 13.43 10.57 28.76
CA VAL B 321 13.65 10.90 30.17
C VAL B 321 15.01 11.56 30.37
N SER B 322 16.03 11.16 29.57
CA SER B 322 17.34 11.84 29.58
C SER B 322 17.23 13.31 29.16
N ILE B 323 16.60 13.58 28.02
CA ILE B 323 16.35 14.96 27.60
C ILE B 323 15.61 15.72 28.71
N LEU B 324 14.52 15.14 29.20
CA LEU B 324 13.71 15.82 30.22
C LEU B 324 14.53 16.13 31.47
N GLN B 325 15.35 15.17 31.93
CA GLN B 325 16.06 15.40 33.19
C GLN B 325 17.11 16.49 33.08
N HIS B 326 17.75 16.65 31.91
CA HIS B 326 18.65 17.80 31.75
C HIS B 326 17.88 19.11 31.95
N VAL B 327 16.65 19.17 31.43
CA VAL B 327 15.84 20.39 31.58
C VAL B 327 15.40 20.57 33.03
N VAL B 328 14.95 19.51 33.71
CA VAL B 328 14.51 19.59 35.09
C VAL B 328 15.64 20.08 36.00
N ALA B 329 16.88 19.67 35.73
CA ALA B 329 18.02 20.15 36.52
C ALA B 329 18.21 21.65 36.36
N ALA B 330 17.87 22.20 35.20
CA ALA B 330 18.00 23.64 34.96
C ALA B 330 16.80 24.41 35.49
N MET B 331 15.65 23.75 35.69
CA MET B 331 14.44 24.45 36.08
C MET B 331 14.54 25.03 37.49
N ALA B 332 13.94 26.20 37.66
CA ALA B 332 13.67 26.74 38.99
C ALA B 332 12.44 26.08 39.60
N PRO B 333 12.22 26.23 40.91
CA PRO B 333 11.04 25.60 41.53
C PRO B 333 9.71 25.94 40.86
N ASP B 334 9.60 27.09 40.23
CA ASP B 334 8.34 27.54 39.66
C ASP B 334 8.34 27.46 38.14
N SER B 335 9.39 26.89 37.53
CA SER B 335 9.42 26.76 36.07
C SER B 335 8.33 25.84 35.57
N LYS B 336 7.92 26.06 34.32
CA LYS B 336 7.08 25.12 33.61
C LYS B 336 7.85 24.50 32.45
N LEU B 337 7.59 23.21 32.21
CA LEU B 337 8.11 22.54 31.04
C LEU B 337 6.90 22.17 30.19
N LEU B 338 6.81 22.77 28.99
CA LEU B 338 5.70 22.54 28.08
C LEU B 338 6.11 21.55 26.98
N ILE B 339 5.40 20.45 26.87
CA ILE B 339 5.62 19.49 25.80
C ILE B 339 4.48 19.69 24.81
N ALA B 340 4.80 20.08 23.59
CA ALA B 340 3.80 20.17 22.52
C ALA B 340 3.94 18.93 21.63
N ASP B 341 2.93 18.07 21.67
CA ASP B 341 3.02 16.77 21.00
C ASP B 341 1.63 16.15 21.03
N THR B 342 1.46 15.10 20.27
CA THR B 342 0.20 14.38 20.24
C THR B 342 0.06 13.57 21.52
N VAL B 343 -1.07 13.74 22.19
CA VAL B 343 -1.46 12.89 23.32
C VAL B 343 -2.45 11.93 22.67
N THR B 344 -1.98 10.75 22.22
CA THR B 344 -2.90 9.93 21.43
C THR B 344 -3.92 9.25 22.27
N GLY B 345 -5.06 8.99 21.64
CA GLY B 345 -6.14 8.33 22.33
C GLY B 345 -5.90 6.85 22.41
N ASN B 346 -6.62 6.22 23.34
CA ASN B 346 -6.71 4.77 23.41
C ASN B 346 -8.13 4.35 23.05
N PRO B 347 -8.40 3.93 21.79
CA PRO B 347 -7.42 3.79 20.69
C PRO B 347 -7.22 5.07 19.92
N PRO B 348 -6.17 5.17 19.13
CA PRO B 348 -5.83 6.44 18.50
C PRO B 348 -6.64 6.65 17.23
N SER B 349 -6.76 7.91 16.84
CA SER B 349 -7.35 8.23 15.56
C SER B 349 -6.34 7.92 14.44
N TRP B 350 -6.82 7.93 13.19
CA TRP B 350 -6.08 7.25 12.12
C TRP B 350 -4.79 7.98 11.78
N PHE B 351 -4.79 9.32 11.80
CA PHE B 351 -3.59 10.04 11.40
C PHE B 351 -2.48 9.87 12.40
N PRO B 352 -2.67 10.11 13.71
CA PRO B 352 -1.62 9.73 14.69
C PRO B 352 -1.27 8.27 14.69
N ALA B 353 -2.25 7.40 14.44
CA ALA B 353 -1.92 5.97 14.42
C ALA B 353 -0.97 5.67 13.25
N MET B 354 -1.20 6.31 12.11
CA MET B 354 -0.27 6.17 10.98
C MET B 354 1.11 6.73 11.31
N LEU B 355 1.17 7.95 11.86
CA LEU B 355 2.47 8.53 12.24
C LEU B 355 3.19 7.66 13.23
N ASP B 356 2.47 7.13 14.21
CA ASP B 356 3.10 6.24 15.20
C ASP B 356 3.77 5.06 14.51
N PHE B 357 3.09 4.46 13.50
CA PHE B 357 3.65 3.29 12.84
C PHE B 357 4.95 3.65 12.13
N PHE B 358 4.98 4.82 11.48
CA PHE B 358 6.21 5.29 10.86
C PHE B 358 7.27 5.59 11.91
N LEU B 359 6.86 6.15 13.05
CA LEU B 359 7.86 6.46 14.05
C LEU B 359 8.52 5.20 14.60
N SER B 360 7.81 4.07 14.60
CA SER B 360 8.46 2.87 15.10
C SER B 360 9.70 2.52 14.29
N THR B 361 9.83 2.99 13.04
CA THR B 361 11.03 2.68 12.24
C THR B 361 12.26 3.51 12.66
N ILE B 362 12.10 4.54 13.49
CA ILE B 362 13.22 5.36 13.92
C ILE B 362 13.35 5.38 15.45
N GLY B 363 12.58 4.54 16.15
CA GLY B 363 12.69 4.43 17.60
C GLY B 363 11.72 5.32 18.39
N GLY B 364 10.82 6.04 17.72
CA GLY B 364 9.88 6.92 18.39
C GLY B 364 8.47 6.36 18.40
N LYS B 365 7.51 7.22 18.80
CA LYS B 365 6.12 6.82 18.99
C LYS B 365 5.30 8.04 19.37
N GLU B 366 3.98 7.96 19.14
CA GLU B 366 3.03 8.92 19.65
C GLU B 366 2.49 8.39 20.99
N ARG B 367 2.72 9.12 22.06
CA ARG B 367 2.38 8.57 23.36
C ARG B 367 0.93 8.88 23.77
N THR B 368 0.36 7.96 24.53
CA THR B 368 -0.88 8.22 25.25
C THR B 368 -0.66 9.15 26.45
N GLU B 369 -1.76 9.63 27.01
CA GLU B 369 -1.63 10.42 28.24
C GLU B 369 -0.91 9.62 29.32
N GLU B 370 -1.28 8.35 29.48
CA GLU B 370 -0.64 7.52 30.48
C GLU B 370 0.85 7.38 30.24
N GLU B 371 1.25 7.18 28.97
CA GLU B 371 2.68 7.08 28.66
C GLU B 371 3.42 8.37 28.95
N PHE B 372 2.75 9.53 28.75
CA PHE B 372 3.42 10.79 29.05
C PHE B 372 3.55 10.99 30.55
N ARG B 373 2.52 10.56 31.30
CA ARG B 373 2.59 10.60 32.77
C ARG B 373 3.77 9.80 33.26
N LYS B 374 3.96 8.60 32.69
CA LYS B 374 5.09 7.77 33.10
C LYS B 374 6.44 8.47 32.84
N ILE B 375 6.66 9.01 31.64
CA ILE B 375 8.00 9.55 31.39
C ILE B 375 8.20 10.87 32.15
N THR B 376 7.15 11.68 32.33
CA THR B 376 7.38 12.91 33.09
C THR B 376 7.66 12.59 34.57
N ALA B 377 6.93 11.63 35.14
CA ALA B 377 7.25 11.21 36.51
C ALA B 377 8.69 10.69 36.64
N ARG B 378 9.18 9.94 35.66
CA ARG B 378 10.56 9.48 35.76
C ARG B 378 11.51 10.66 35.76
N ALA B 379 11.15 11.74 35.08
CA ALA B 379 12.02 12.91 35.05
C ALA B 379 11.78 13.85 36.25
N GLY B 380 10.94 13.44 37.20
CA GLY B 380 10.67 14.28 38.36
C GLY B 380 9.69 15.40 38.09
N LEU B 381 8.81 15.20 37.12
CA LEU B 381 7.79 16.19 36.75
C LEU B 381 6.39 15.67 37.05
N ARG B 382 5.44 16.61 37.14
CA ARG B 382 4.04 16.20 37.17
C ARG B 382 3.30 17.03 36.14
N ILE B 383 2.34 16.41 35.48
CA ILE B 383 1.55 17.08 34.47
C ILE B 383 0.40 17.76 35.19
N THR B 384 0.31 19.06 35.05
CA THR B 384 -0.76 19.81 35.70
C THR B 384 -1.90 20.17 34.76
N GLY B 385 -1.74 19.97 33.46
CA GLY B 385 -2.75 20.32 32.50
C GLY B 385 -2.41 19.82 31.11
N ILE B 386 -3.44 19.49 30.34
CA ILE B 386 -3.29 19.12 28.96
C ILE B 386 -4.30 19.92 28.14
N HIS B 387 -3.81 20.70 27.19
CA HIS B 387 -4.65 21.64 26.42
C HIS B 387 -4.64 21.23 24.95
N TYR B 388 -5.76 20.68 24.47
CA TYR B 388 -5.77 20.06 23.15
C TYR B 388 -6.02 21.12 22.10
N SER B 389 -5.32 21.01 20.98
CA SER B 389 -5.69 21.76 19.78
C SER B 389 -6.87 21.05 19.11
N ASP B 390 -7.30 21.56 17.96
CA ASP B 390 -8.36 20.90 17.22
C ASP B 390 -7.82 19.94 16.17
N LYS B 391 -6.50 19.69 16.15
CA LYS B 391 -5.85 18.87 15.12
C LYS B 391 -5.33 17.57 15.74
N ALA B 392 -6.08 16.49 15.53
CA ALA B 392 -5.57 15.12 15.69
C ALA B 392 -4.84 14.89 17.02
N GLU B 393 -5.43 15.37 18.11
CA GLU B 393 -4.98 15.15 19.48
C GLU B 393 -3.68 15.87 19.80
N PHE B 394 -3.24 16.79 18.95
CA PHE B 394 -2.04 17.55 19.24
C PHE B 394 -2.35 18.52 20.38
N ALA B 395 -1.49 18.49 21.41
CA ALA B 395 -1.81 19.12 22.68
C ALA B 395 -0.57 19.81 23.26
N MET B 396 -0.83 20.77 24.14
CA MET B 396 0.16 21.37 25.02
C MET B 396 0.07 20.67 26.38
N ILE B 397 1.15 20.02 26.78
CA ILE B 397 1.20 19.31 28.06
C ILE B 397 2.01 20.19 28.99
N VAL B 398 1.40 20.62 30.10
CA VAL B 398 2.04 21.54 31.03
C VAL B 398 2.59 20.71 32.16
N CYS B 399 3.89 20.84 32.45
CA CYS B 399 4.55 20.09 33.51
C CYS B 399 5.19 21.03 34.51
N GLU B 400 5.17 20.63 35.77
CA GLU B 400 5.97 21.34 36.75
C GLU B 400 6.72 20.32 37.62
N LYS B 401 7.75 20.80 38.32
CA LYS B 401 8.51 19.94 39.24
C LYS B 401 7.60 19.25 40.24
N ALA B 402 7.82 17.95 40.43
CA ALA B 402 6.94 17.13 41.28
C ALA B 402 7.02 17.56 42.74
S SO4 C . 10.07 -22.32 1.30
O1 SO4 C . 9.18 -21.52 0.47
O2 SO4 C . 11.25 -22.60 0.48
O3 SO4 C . 10.46 -21.54 2.47
O4 SO4 C . 9.42 -23.52 1.79
N SAM D . -4.12 -23.39 -14.51
CA SAM D . -4.09 -22.98 -13.08
C SAM D . -5.21 -22.00 -12.80
O SAM D . -5.70 -21.91 -11.67
OXT SAM D . -5.64 -21.31 -13.73
CB SAM D . -2.77 -22.29 -12.63
CG SAM D . -2.42 -20.96 -13.32
SD SAM D . -0.87 -20.30 -12.62
CE SAM D . -1.04 -18.54 -13.14
C5' SAM D . 0.47 -20.79 -13.75
C4' SAM D . 0.72 -22.33 -13.61
O4' SAM D . 1.65 -22.78 -14.57
C3' SAM D . 1.31 -22.69 -12.24
O3' SAM D . 0.65 -23.79 -11.64
C2' SAM D . 2.76 -23.02 -12.57
O2' SAM D . 3.46 -23.87 -11.63
C1' SAM D . 2.61 -23.64 -13.95
N9 SAM D . 3.82 -23.55 -14.74
C8 SAM D . 4.66 -22.45 -14.88
N7 SAM D . 5.68 -22.79 -15.74
C5 SAM D . 5.45 -24.10 -16.13
C6 SAM D . 6.16 -24.95 -16.97
N6 SAM D . 7.25 -24.49 -17.59
N1 SAM D . 5.69 -26.20 -17.20
C2 SAM D . 4.56 -26.69 -16.58
N3 SAM D . 3.84 -25.81 -15.72
C4 SAM D . 4.30 -24.58 -15.52
C1 EDO E . 5.18 -15.93 7.87
O1 EDO E . 5.95 -17.05 7.41
C2 EDO E . 3.77 -16.45 7.73
O2 EDO E . 2.92 -15.31 7.81
C1 EDO F . 11.21 -12.14 -3.84
O1 EDO F . 9.90 -11.56 -3.59
C2 EDO F . 11.58 -12.11 -5.34
O2 EDO F . 10.97 -13.13 -6.11
C1 EDO G . -13.35 -5.02 -12.87
O1 EDO G . -12.45 -4.68 -13.92
C2 EDO G . -14.06 -6.34 -13.19
O2 EDO G . -15.03 -6.57 -12.18
C1 EDO H . -17.62 -27.93 -29.26
O1 EDO H . -16.99 -29.20 -29.44
C2 EDO H . -16.52 -26.96 -28.84
O2 EDO H . -16.73 -26.46 -27.51
C1 EDO I . -17.83 -23.81 -30.10
O1 EDO I . -17.32 -24.14 -28.81
C2 EDO I . -17.17 -24.64 -31.16
O2 EDO I . -15.79 -24.28 -31.18
C1 EDO J . -1.65 -41.40 -5.39
O1 EDO J . -1.84 -40.81 -4.09
C2 EDO J . -0.73 -40.57 -6.31
O2 EDO J . -1.46 -39.65 -7.18
C1 EDO K . 17.00 -1.68 -5.25
O1 EDO K . 16.29 -1.98 -6.46
C2 EDO K . 15.90 -1.64 -4.24
O2 EDO K . 14.98 -2.58 -4.77
C1 EDO L . -8.01 -29.43 -2.20
O1 EDO L . -7.72 -28.76 -3.45
C2 EDO L . -8.71 -30.77 -2.49
O2 EDO L . -8.09 -31.48 -3.60
C1 EDO M . 17.68 2.83 -20.30
O1 EDO M . 17.31 3.04 -18.91
C2 EDO M . 16.79 3.54 -21.34
O2 EDO M . 16.41 2.61 -22.37
C1 EDO N . -2.23 -20.01 16.72
O1 EDO N . -1.42 -20.13 15.52
C2 EDO N . -3.45 -20.92 16.56
O2 EDO N . -4.50 -20.63 17.51
C1 EDO O . -13.73 1.80 -12.05
O1 EDO O . -13.42 2.72 -13.11
C2 EDO O . -14.16 0.50 -12.73
O2 EDO O . -13.92 -0.61 -11.85
C1 EDO P . -14.61 -2.95 -9.58
O1 EDO P . -13.63 -2.25 -10.32
C2 EDO P . -14.47 -4.38 -10.00
O2 EDO P . -13.05 -4.59 -10.19
C1 EDO Q . 12.07 -27.19 -11.41
O1 EDO Q . 13.07 -26.13 -11.46
C2 EDO Q . 11.51 -27.36 -9.99
O2 EDO Q . 10.10 -27.72 -9.96
C1 EDO R . 21.01 2.86 -10.94
O1 EDO R . 20.68 3.41 -9.61
C2 EDO R . 19.88 1.92 -11.34
O2 EDO R . 18.56 2.34 -10.89
C1 EDO S . -18.78 -7.59 11.10
O1 EDO S . -17.48 -7.22 10.61
C2 EDO S . -18.77 -8.93 11.84
O2 EDO S . -18.51 -8.77 13.27
C1 EDO T . -15.44 -20.62 -9.77
O1 EDO T . -15.81 -21.82 -9.10
C2 EDO T . -16.67 -20.16 -10.53
O2 EDO T . -17.42 -19.18 -9.80
C1 EDO U . -18.77 -10.56 -25.00
O1 EDO U . -18.05 -9.54 -24.28
C2 EDO U . -18.95 -10.06 -26.42
O2 EDO U . -17.71 -9.51 -26.87
C1 EDO V . -14.87 -16.87 -33.01
O1 EDO V . -14.74 -16.69 -34.42
C2 EDO V . -16.34 -16.89 -32.67
O2 EDO V . -16.90 -17.93 -33.50
C1 EDO W . 18.54 -6.14 -5.60
O1 EDO W . 18.18 -4.83 -5.12
C2 EDO W . 17.92 -6.21 -6.99
O2 EDO W . 16.93 -5.12 -7.02
C1 EDO X . 21.16 -18.77 -9.70
O1 EDO X . 22.28 -19.65 -9.89
C2 EDO X . 21.12 -18.36 -8.25
O2 EDO X . 21.62 -17.03 -8.17
C1 EDO Y . 2.19 -27.90 2.55
O1 EDO Y . 1.11 -28.59 3.20
C2 EDO Y . 3.03 -27.13 3.58
O2 EDO Y . 4.19 -26.55 2.91
C1 EDO Z . -9.96 -21.32 6.82
O1 EDO Z . -9.58 -22.12 7.95
C2 EDO Z . -9.52 -19.86 7.03
O2 EDO Z . -10.59 -19.03 6.56
C1 GOL AA . 6.43 -31.28 -29.24
O1 GOL AA . 7.64 -30.73 -28.77
C2 GOL AA . 6.13 -32.64 -28.50
O2 GOL AA . 6.34 -32.60 -27.09
C3 GOL AA . 4.65 -32.97 -28.96
O3 GOL AA . 4.35 -34.33 -28.53
C1 GOL BA . 5.14 -16.65 -0.08
O1 GOL BA . 4.73 -17.12 -1.31
C2 GOL BA . 3.98 -16.76 0.86
O2 GOL BA . 4.11 -15.85 1.80
C3 GOL BA . 4.06 -18.21 1.51
O3 GOL BA . 5.29 -18.40 2.10
C1 GOL CA . -0.26 8.04 -5.22
O1 GOL CA . -0.13 9.34 -4.48
C2 GOL CA . -0.95 6.86 -4.29
O2 GOL CA . -2.33 7.10 -3.94
C3 GOL CA . -0.73 5.44 -5.00
O3 GOL CA . -0.88 4.43 -3.87
C1 GOL DA . -13.29 -8.64 -7.04
O1 GOL DA . -13.94 -9.25 -8.11
C2 GOL DA . -12.89 -7.21 -7.46
O2 GOL DA . -13.84 -6.48 -8.24
C3 GOL DA . -12.41 -6.55 -6.20
O3 GOL DA . -12.79 -5.21 -6.21
C01 76N EA . 2.84 -19.22 -10.56
C02 76N EA . 2.07 -18.04 -10.08
C03 76N EA . 2.48 -16.61 -10.47
C04 76N EA . 3.73 -16.43 -11.38
C05 76N EA . 4.05 -17.67 -12.24
C06 76N EA . 4.12 -18.95 -11.38
C07 76N EA . 0.33 -15.29 -10.37
C08 76N EA . -0.79 -14.67 -11.00
C09 76N EA . -0.93 -14.63 -12.45
C10 76N EA . 1.16 -15.94 -12.52
C11 76N EA . 1.32 -15.95 -11.16
C15 76N EA . -1.61 -13.81 -10.21
C17 76N EA . -2.59 -9.56 -7.77
C18 76N EA . -2.15 -9.82 -6.32
C19 76N EA . -2.37 -11.30 -6.03
C20 76N EA . -1.31 -12.08 -6.82
C21 76N EA . -1.78 -11.96 -8.29
C22 76N EA . -1.79 -10.43 -8.75
C23 76N EA . -0.91 -12.83 -9.23
C24 76N EA . -0.05 -11.78 -10.07
C25 76N EA . -0.45 -9.85 -8.70
C26 76N EA . 0.45 -10.69 -9.16
C30 76N EA . 1.19 -12.33 -10.86
N12 76N EA . 0.08 -15.32 -13.12
O13 76N EA . -1.88 -14.13 -13.11
O14 76N EA . 0.45 -15.31 -9.06
O16 76N EA . -2.78 -13.44 -10.56
O27 76N EA . 1.56 -18.80 -11.25
O28 76N EA . 4.23 -20.03 -12.39
O29 76N EA . 2.83 -15.96 -9.24
OH2 1PE FA . -14.68 -26.36 -6.75
C12 1PE FA . -13.75 -27.25 -7.40
C22 1PE FA . -12.70 -27.77 -6.44
OH3 1PE FA . -13.27 -28.93 -5.83
C13 1PE FA . -13.18 -30.71 -4.18
C23 1PE FA . -12.49 -29.47 -4.78
OH4 1PE FA . -14.47 -30.36 -3.67
C14 1PE FA . -16.47 -31.02 -2.42
C24 1PE FA . -15.17 -31.48 -3.10
OH5 1PE FA . -17.28 -30.27 -3.33
C15 1PE FA . -19.23 -28.81 -3.32
C25 1PE FA . -18.67 -30.21 -3.01
OH6 1PE FA . -19.12 -28.49 -4.72
C16 1PE FA . -18.87 -26.70 -6.41
C26 1PE FA . -19.34 -27.09 -5.00
OH7 1PE FA . -17.43 -26.57 -6.48
S SO4 GA . 22.61 10.00 -2.05
O1 SO4 GA . 21.79 9.39 -3.07
O2 SO4 GA . 23.34 11.09 -2.61
O3 SO4 GA . 23.48 9.03 -1.39
O4 SO4 GA . 21.66 10.51 -1.04
S SO4 HA . 19.38 10.90 15.82
O1 SO4 HA . 18.19 11.74 15.99
O2 SO4 HA . 19.54 10.50 14.42
O3 SO4 HA . 20.57 11.67 16.20
O4 SO4 HA . 19.20 9.74 16.71
N SAM IA . 10.47 22.20 17.96
CA SAM IA . 10.58 22.14 16.51
C SAM IA . 9.26 22.41 15.80
O SAM IA . 8.19 22.27 16.38
OXT SAM IA . 9.19 22.76 14.62
CB SAM IA . 11.13 20.73 16.13
CG SAM IA . 11.35 20.55 14.65
SD SAM IA . 12.25 19.00 14.29
CE SAM IA . 11.10 17.66 14.70
C5' SAM IA . 13.45 18.80 15.63
C4' SAM IA . 14.47 19.94 15.72
O4' SAM IA . 15.40 19.59 16.74
C3' SAM IA . 15.28 20.20 14.45
O3' SAM IA . 15.31 21.59 14.28
C2' SAM IA . 16.67 19.68 14.78
O2' SAM IA . 17.71 20.45 14.23
C1' SAM IA . 16.71 19.87 16.29
N9 SAM IA . 17.66 18.96 16.95
C8 SAM IA . 17.89 17.65 16.61
N7 SAM IA . 18.84 17.16 17.47
C5 SAM IA . 19.20 18.14 18.35
C6 SAM IA . 20.12 18.17 19.41
N6 SAM IA . 20.86 17.10 19.73
N1 SAM IA . 20.25 19.36 20.13
C2 SAM IA . 19.52 20.48 19.75
N3 SAM IA . 18.63 20.43 18.70
C4 SAM IA . 18.46 19.28 18.01
C1 EDO JA . 21.06 3.41 21.94
O1 EDO JA . 20.15 2.75 21.04
C2 EDO JA . 20.51 4.71 22.57
O2 EDO JA . 19.15 5.03 22.23
C1 EDO KA . 15.24 9.59 -8.90
O1 EDO KA . 14.81 8.33 -9.44
C2 EDO KA . 14.37 10.65 -9.55
O2 EDO KA . 13.03 10.15 -9.52
C1 EDO LA . 2.22 3.78 22.26
O1 EDO LA . 2.09 2.59 22.98
C2 EDO LA . 1.18 3.84 21.15
O2 EDO LA . 1.73 4.69 20.16
C1 EDO MA . 25.90 28.96 21.38
O1 EDO MA . 25.67 29.56 22.66
C2 EDO MA . 25.67 29.98 20.29
O2 EDO MA . 26.00 29.40 19.02
C1 EDO NA . 16.86 -0.99 19.44
O1 EDO NA . 16.52 0.25 18.81
C2 EDO NA . 15.55 -1.63 19.86
O2 EDO NA . 14.88 -1.06 21.03
C1 EDO OA . 15.27 15.22 15.30
O1 EDO OA . 15.57 13.80 15.22
C2 EDO OA . 14.65 15.47 16.67
O2 EDO OA . 13.23 15.75 16.57
C1 EDO PA . 16.60 1.76 3.36
O1 EDO PA . 16.63 2.84 4.31
C2 EDO PA . 16.30 2.35 1.99
O2 EDO PA . 14.97 2.84 2.22
C1 EDO QA . 14.59 9.97 7.78
O1 EDO QA . 14.83 9.62 6.41
C2 EDO QA . 13.36 9.23 8.32
O2 EDO QA . 13.49 7.80 8.18
C1 EDO RA . -3.12 24.53 34.76
O1 EDO RA . -1.82 23.93 34.55
C2 EDO RA . -3.60 24.87 33.36
O2 EDO RA . -2.49 24.74 32.43
C1 EDO SA . -21.99 -10.35 -4.51
O1 EDO SA . -20.97 -11.35 -4.43
C2 EDO SA . -22.23 -9.80 -3.10
O2 EDO SA . -23.48 -9.11 -3.13
C1 EDO TA . -7.89 3.34 -7.34
O1 EDO TA . -9.11 3.11 -8.06
C2 EDO TA . -7.10 4.47 -8.00
O2 EDO TA . -7.65 5.79 -7.80
C1 GOL UA . 1.08 28.33 34.85
O1 GOL UA . 0.62 29.33 35.69
C2 GOL UA . -0.06 28.11 33.81
O2 GOL UA . -1.27 27.83 34.42
C3 GOL UA . 0.37 26.86 33.01
O3 GOL UA . -0.52 26.76 31.90
C1 GOL VA . -24.41 2.47 3.49
O1 GOL VA . -23.46 3.54 3.58
C2 GOL VA . -24.96 2.40 2.04
O2 GOL VA . -25.78 3.51 1.72
C3 GOL VA . -25.74 1.06 1.94
O3 GOL VA . -25.01 0.09 2.63
C1 GOL WA . 27.15 3.82 4.60
O1 GOL WA . 27.67 4.54 3.55
C2 GOL WA . 25.67 3.58 4.31
O2 GOL WA . 25.02 4.64 3.67
C3 GOL WA . 25.03 3.32 5.67
O3 GOL WA . 23.99 2.40 5.36
C1 PEG XA . -14.85 -12.58 0.00
O1 PEG XA . -14.69 -11.14 0.11
C2 PEG XA . -13.87 -13.18 -1.01
O2 PEG XA . -14.38 -14.19 -1.87
C3 PEG XA . -13.70 -14.20 -3.13
C4 PEG XA . -14.61 -14.56 -4.31
O4 PEG XA . -14.15 -13.86 -5.49
C1 PEG YA . -6.77 21.53 31.89
O1 PEG YA . -6.96 21.71 30.47
C2 PEG YA . -7.12 20.09 32.25
O2 PEG YA . -5.99 19.23 32.03
C3 PEG YA . -6.22 17.81 32.24
C4 PEG YA . -5.53 17.32 33.54
O4 PEG YA . -4.39 16.46 33.29
#